data_3U0T
#
_entry.id   3U0T
#
_cell.length_a   83.370
_cell.length_b   64.250
_cell.length_c   95.890
_cell.angle_alpha   90.00
_cell.angle_beta   112.42
_cell.angle_gamma   90.00
#
_symmetry.space_group_name_H-M   'P 1 21 1'
#
loop_
_entity.id
_entity.type
_entity.pdbx_description
1 polymer 'ponezumab LC Fab'
2 polymer 'ponezumab HC Fab'
3 polymer 'Amyloid beta A4 protein'
4 water water
#
loop_
_entity_poly.entity_id
_entity_poly.type
_entity_poly.pdbx_seq_one_letter_code
_entity_poly.pdbx_strand_id
1 'polypeptide(L)'
;DVVMTQSPLSLPVTLGQPASISCKSSQSLLYSDAKTYLNWFQQRPGQSPRRLIYQISRLDPGVPDRFSGSGSGTDFTLKI
SRVEAEDVGVYYCLQGTHYPVLFGQGTRLEIKRTVAAPSVFIFPPSDEQLKSGTASVVCLLNNFYPREAKVQWKVDNALQ
SGNSQESVTEQDSKDSTYSLSSTLTLSKADYEKHKVYACEVTHQGLSSPVTKSFNRGEC
;
C,A
2 'polypeptide(L)'
;QVQLVQSGAEVKKPGASVKVSCKASGYYTEAYYIHWVRQAPGQGLEWMGRIDPATGNTKYAPRLQDRVTMTRDTSTSTVY
MELSSLRSEDTAVYYCASLYSLPVYWGQGTTVTVSSASTKGPSVFPLAPCSRSTSESTAALGCLVKDYFPEPVTVSWNSG
ALTSGVHTFPAVLQSSGLYSLSSVVTVPSSNFGTQQTYTCNVDHKPSNTKVDKTVER
;
D,B
3 'polypeptide(L)' AIIGLMVGGVV E,F
#
# COMPACT_ATOMS: atom_id res chain seq x y z
N ASP A 1 -28.46 -4.45 18.31
CA ASP A 1 -27.42 -3.92 17.37
C ASP A 1 -27.97 -3.83 15.99
N VAL A 2 -27.57 -2.79 15.26
CA VAL A 2 -28.00 -2.69 13.88
C VAL A 2 -27.56 -4.00 13.15
N VAL A 3 -28.47 -4.53 12.37
CA VAL A 3 -28.26 -5.81 11.69
C VAL A 3 -28.41 -5.64 10.16
N MET A 4 -27.41 -6.11 9.41
CA MET A 4 -27.36 -5.94 7.96
C MET A 4 -27.65 -7.28 7.27
N THR A 5 -28.65 -7.28 6.39
CA THR A 5 -29.12 -8.49 5.73
C THR A 5 -28.96 -8.41 4.22
N GLN A 6 -27.93 -9.06 3.70
CA GLN A 6 -27.58 -8.98 2.29
C GLN A 6 -28.28 -10.09 1.54
N SER A 7 -28.70 -9.84 0.31
CA SER A 7 -29.51 -10.82 -0.43
C SER A 7 -29.42 -10.75 -1.97
N PRO A 8 -29.28 -11.92 -2.64
CA PRO A 8 -29.11 -13.29 -2.15
C PRO A 8 -27.67 -13.55 -1.77
N LEU A 9 -27.40 -14.70 -1.16
CA LEU A 9 -26.06 -15.09 -0.74
C LEU A 9 -25.20 -15.56 -1.90
N SER A 10 -25.83 -16.15 -2.91
CA SER A 10 -25.12 -16.62 -4.11
C SER A 10 -25.83 -16.22 -5.43
N LEU A 11 -25.10 -15.66 -6.37
CA LEU A 11 -25.70 -14.95 -7.48
C LEU A 11 -25.06 -15.40 -8.79
N PRO A 12 -25.56 -16.50 -9.39
CA PRO A 12 -25.03 -16.95 -10.68
C PRO A 12 -25.66 -16.17 -11.86
N VAL A 13 -24.83 -15.52 -12.65
CA VAL A 13 -25.33 -14.61 -13.68
C VAL A 13 -24.79 -14.97 -15.05
N THR A 14 -25.66 -15.09 -16.04
CA THR A 14 -25.26 -15.36 -17.41
C THR A 14 -24.45 -14.17 -17.90
N LEU A 15 -23.37 -14.48 -18.62
CA LEU A 15 -22.45 -13.46 -19.08
C LEU A 15 -23.20 -12.43 -19.90
N GLY A 16 -23.01 -11.16 -19.53
CA GLY A 16 -23.65 -10.06 -20.26
C GLY A 16 -24.98 -9.62 -19.67
N GLN A 17 -25.52 -10.36 -18.69
CA GLN A 17 -26.80 -9.97 -18.09
C GLN A 17 -26.57 -8.90 -17.04
N PRO A 18 -27.63 -8.19 -16.64
CA PRO A 18 -27.50 -7.31 -15.49
C PRO A 18 -27.71 -8.11 -14.25
N ALA A 19 -27.37 -7.57 -13.10
CA ALA A 19 -27.59 -8.22 -11.80
C ALA A 19 -27.77 -7.14 -10.72
N SER A 20 -28.46 -7.50 -9.62
CA SER A 20 -28.60 -6.62 -8.48
C SER A 20 -28.40 -7.40 -7.16
N ILE A 21 -27.91 -6.70 -6.15
CA ILE A 21 -27.70 -7.25 -4.83
C ILE A 21 -28.45 -6.30 -3.89
N SER A 22 -29.15 -6.88 -2.91
CA SER A 22 -29.96 -6.13 -1.96
C SER A 22 -29.31 -6.15 -0.59
N CYS A 23 -29.33 -5.00 0.09
CA CYS A 23 -28.85 -4.89 1.47
C CYS A 23 -29.98 -4.17 2.20
N LYS A 24 -30.41 -4.74 3.34
CA LYS A 24 -31.40 -4.10 4.23
C LYS A 24 -30.84 -4.00 5.62
N SER A 25 -30.97 -2.83 6.23
CA SER A 25 -30.59 -2.63 7.64
C SER A 25 -31.82 -2.73 8.53
N SER A 26 -31.59 -2.91 9.83
CA SER A 26 -32.65 -3.02 10.82
C SER A 26 -33.15 -1.63 11.21
N GLN A 27 -32.28 -0.63 11.03
CA GLN A 27 -32.68 0.78 11.20
C GLN A 27 -32.05 1.64 10.10
N SER A 28 -32.53 2.87 10.01
CA SER A 28 -32.05 3.82 9.03
C SER A 28 -30.58 4.12 9.21
N LEU A 29 -29.92 4.40 8.09
CA LEU A 29 -28.53 4.76 8.11
C LEU A 29 -28.37 6.22 7.77
N LEU A 30 -29.45 6.99 7.86
CA LEU A 30 -29.41 8.44 7.70
C LEU A 30 -28.84 8.98 9.01
N TYR A 31 -27.80 9.81 8.93
CA TYR A 31 -27.16 10.42 10.11
C TYR A 31 -27.64 11.87 10.26
N SER A 32 -27.17 12.58 11.29
CA SER A 32 -27.66 13.94 11.60
C SER A 32 -27.39 15.05 10.53
N ASP A 33 -26.50 14.78 9.57
CA ASP A 33 -26.46 15.57 8.31
C ASP A 33 -27.52 14.94 7.42
N ALA A 34 -27.74 15.48 6.22
CA ALA A 34 -28.51 14.73 5.22
C ALA A 34 -27.70 13.54 4.62
N LYS A 35 -26.66 13.04 5.30
CA LYS A 35 -25.79 12.01 4.72
C LYS A 35 -26.08 10.57 5.21
N THR A 36 -25.97 9.63 4.29
CA THR A 36 -26.26 8.20 4.58
C THR A 36 -25.02 7.37 4.24
N TYR A 37 -24.35 6.87 5.27
CA TYR A 37 -23.12 6.11 5.13
C TYR A 37 -23.36 4.61 4.82
N LEU A 38 -23.96 4.35 3.68
CA LEU A 38 -23.96 2.99 3.15
C LEU A 38 -22.89 2.87 2.02
N ASN A 39 -22.01 1.88 2.17
CA ASN A 39 -20.94 1.65 1.24
C ASN A 39 -21.10 0.27 0.66
N TRP A 40 -20.46 0.05 -0.49
CA TRP A 40 -20.43 -1.27 -1.13
C TRP A 40 -18.98 -1.62 -1.47
N PHE A 41 -18.56 -2.82 -1.06
CA PHE A 41 -17.21 -3.31 -1.26
C PHE A 41 -17.24 -4.59 -2.09
N GLN A 42 -16.12 -4.85 -2.77
CA GLN A 42 -15.92 -6.02 -3.60
C GLN A 42 -14.61 -6.68 -3.21
N GLN A 43 -14.59 -8.01 -3.20
CA GLN A 43 -13.32 -8.71 -3.17
C GLN A 43 -13.27 -9.80 -4.24
N ARG A 44 -12.37 -9.65 -5.18
CA ARG A 44 -12.20 -10.67 -6.20
C ARG A 44 -11.19 -11.71 -5.70
N PRO A 45 -11.25 -12.93 -6.24
CA PRO A 45 -10.38 -14.00 -5.76
C PRO A 45 -8.88 -13.67 -5.84
N GLY A 46 -8.16 -13.90 -4.74
CA GLY A 46 -6.73 -13.60 -4.68
C GLY A 46 -6.36 -12.14 -4.50
N GLN A 47 -7.32 -11.21 -4.47
CA GLN A 47 -7.03 -9.79 -4.32
C GLN A 47 -7.48 -9.18 -3.00
N SER A 48 -6.96 -8.00 -2.68
CA SER A 48 -7.48 -7.24 -1.56
C SER A 48 -8.86 -6.68 -1.89
N PRO A 49 -9.69 -6.50 -0.87
CA PRO A 49 -10.96 -5.83 -1.05
C PRO A 49 -10.83 -4.37 -1.48
N ARG A 50 -11.86 -3.86 -2.15
CA ARG A 50 -11.84 -2.46 -2.57
C ARG A 50 -13.21 -1.90 -2.40
N ARG A 51 -13.28 -0.60 -2.17
CA ARG A 51 -14.59 0.05 -2.15
C ARG A 51 -14.99 0.46 -3.55
N LEU A 52 -16.25 0.17 -3.85
CA LEU A 52 -16.89 0.38 -5.15
C LEU A 52 -17.64 1.69 -5.10
N ILE A 53 -18.35 1.89 -3.99
CA ILE A 53 -19.31 2.95 -3.83
C ILE A 53 -19.32 3.45 -2.38
N TYR A 54 -19.45 4.77 -2.19
CA TYR A 54 -19.68 5.39 -0.87
C TYR A 54 -20.91 6.31 -0.92
N GLN A 55 -21.56 6.48 0.23
CA GLN A 55 -22.80 7.27 0.36
C GLN A 55 -23.92 6.88 -0.64
N ILE A 56 -24.22 5.59 -0.67
CA ILE A 56 -25.32 4.98 -1.46
C ILE A 56 -24.98 4.85 -2.92
N SER A 57 -24.74 5.97 -3.58
CA SER A 57 -24.66 5.99 -5.02
C SER A 57 -23.32 6.51 -5.61
N ARG A 58 -22.43 7.04 -4.79
CA ARG A 58 -21.20 7.68 -5.29
C ARG A 58 -20.04 6.72 -5.57
N LEU A 59 -19.61 6.69 -6.82
CA LEU A 59 -18.54 5.81 -7.27
C LEU A 59 -17.19 6.25 -6.74
N ASP A 60 -16.43 5.31 -6.23
CA ASP A 60 -15.02 5.55 -5.95
C ASP A 60 -14.23 5.69 -7.26
N PRO A 61 -13.01 6.21 -7.18
CA PRO A 61 -12.23 6.35 -8.41
C PRO A 61 -11.64 5.03 -8.80
N GLY A 62 -11.68 4.74 -10.11
CA GLY A 62 -11.25 3.45 -10.63
C GLY A 62 -12.40 2.51 -10.94
N VAL A 63 -13.58 2.85 -10.46
CA VAL A 63 -14.77 2.00 -10.58
C VAL A 63 -15.51 2.28 -11.90
N PRO A 64 -15.74 1.24 -12.71
CA PRO A 64 -16.37 1.49 -13.99
C PRO A 64 -17.82 1.86 -13.82
N ASP A 65 -18.34 2.60 -14.78
CA ASP A 65 -19.76 3.01 -14.90
C ASP A 65 -20.79 1.91 -14.76
N ARG A 66 -20.40 0.66 -15.02
CA ARG A 66 -21.32 -0.50 -14.87
C ARG A 66 -21.91 -0.70 -13.48
N PHE A 67 -21.21 -0.27 -12.45
CA PHE A 67 -21.71 -0.30 -11.10
C PHE A 67 -22.44 0.99 -10.76
N SER A 68 -23.62 0.85 -10.13
CA SER A 68 -24.46 1.95 -9.69
C SER A 68 -25.16 1.57 -8.39
N GLY A 69 -25.53 2.56 -7.59
CA GLY A 69 -26.13 2.29 -6.29
C GLY A 69 -27.37 3.08 -6.04
N SER A 70 -28.27 2.54 -5.24
CA SER A 70 -29.50 3.24 -4.96
C SER A 70 -30.10 2.81 -3.65
N GLY A 71 -31.11 3.56 -3.23
CA GLY A 71 -31.90 3.28 -2.06
C GLY A 71 -31.81 4.41 -1.07
N SER A 72 -32.40 4.20 0.11
CA SER A 72 -32.41 5.25 1.15
C SER A 72 -32.89 4.62 2.45
N GLY A 73 -32.55 5.26 3.57
CA GLY A 73 -32.99 4.84 4.89
C GLY A 73 -32.49 3.48 5.34
N THR A 74 -33.29 2.45 5.03
CA THR A 74 -33.02 1.07 5.43
C THR A 74 -32.91 0.10 4.25
N ASP A 75 -33.05 0.58 3.02
CA ASP A 75 -33.14 -0.35 1.87
C ASP A 75 -32.23 0.02 0.66
N PHE A 76 -31.29 -0.87 0.29
CA PHE A 76 -30.24 -0.52 -0.67
C PHE A 76 -30.01 -1.58 -1.72
N THR A 77 -29.62 -1.12 -2.90
CA THR A 77 -29.41 -2.02 -4.01
C THR A 77 -28.13 -1.67 -4.73
N LEU A 78 -27.34 -2.68 -5.04
CA LEU A 78 -26.17 -2.51 -5.92
C LEU A 78 -26.45 -3.12 -7.28
N LYS A 79 -26.43 -2.30 -8.34
CA LYS A 79 -26.71 -2.79 -9.71
C LYS A 79 -25.43 -2.85 -10.54
N ILE A 80 -25.31 -3.89 -11.37
CA ILE A 80 -24.22 -4.03 -12.34
C ILE A 80 -24.94 -4.15 -13.65
N SER A 81 -24.78 -3.19 -14.53
CA SER A 81 -25.64 -3.14 -15.72
C SER A 81 -25.36 -4.26 -16.71
N ARG A 82 -24.11 -4.73 -16.73
CA ARG A 82 -23.69 -5.74 -17.68
C ARG A 82 -22.50 -6.47 -17.07
N VAL A 83 -22.72 -7.75 -16.73
CA VAL A 83 -21.74 -8.57 -16.00
C VAL A 83 -20.64 -9.15 -16.90
N GLU A 84 -19.39 -8.88 -16.54
CA GLU A 84 -18.24 -9.51 -17.20
C GLU A 84 -17.59 -10.55 -16.29
N ALA A 85 -16.66 -11.29 -16.82
CA ALA A 85 -15.92 -12.25 -16.03
C ALA A 85 -15.09 -11.58 -14.93
N GLU A 86 -14.73 -10.29 -15.08
CA GLU A 86 -13.95 -9.59 -14.04
C GLU A 86 -14.80 -9.16 -12.83
N ASP A 87 -16.09 -9.44 -12.90
CA ASP A 87 -16.99 -9.11 -11.82
C ASP A 87 -17.21 -10.30 -10.87
N VAL A 88 -16.62 -11.44 -11.20
CA VAL A 88 -16.67 -12.61 -10.31
C VAL A 88 -16.02 -12.35 -8.98
N GLY A 89 -16.80 -12.47 -7.89
CA GLY A 89 -16.25 -12.40 -6.54
C GLY A 89 -17.29 -12.23 -5.49
N VAL A 90 -16.87 -11.69 -4.34
CA VAL A 90 -17.84 -11.45 -3.25
C VAL A 90 -18.05 -9.93 -3.04
N TYR A 91 -19.30 -9.55 -2.78
CA TYR A 91 -19.71 -8.19 -2.62
C TYR A 91 -20.36 -8.05 -1.27
N TYR A 92 -19.96 -6.98 -0.56
CA TYR A 92 -20.34 -6.69 0.82
C TYR A 92 -20.88 -5.28 0.98
N CYS A 93 -21.99 -5.10 1.69
CA CYS A 93 -22.32 -3.77 2.16
C CYS A 93 -21.64 -3.49 3.49
N LEU A 94 -21.47 -2.21 3.78
CA LEU A 94 -20.90 -1.77 4.99
C LEU A 94 -21.58 -0.50 5.38
N GLN A 95 -22.08 -0.54 6.61
CA GLN A 95 -22.81 0.49 7.27
C GLN A 95 -21.83 1.23 8.12
N GLY A 96 -21.71 2.54 7.92
CA GLY A 96 -20.80 3.39 8.73
C GLY A 96 -21.47 4.43 9.62
N THR A 97 -22.77 4.31 9.88
CA THR A 97 -23.52 5.33 10.60
C THR A 97 -23.64 5.10 12.11
N HIS A 98 -23.88 3.85 12.50
CA HIS A 98 -24.14 3.48 13.90
C HIS A 98 -23.12 2.52 14.41
N TYR A 99 -22.58 2.78 15.59
CA TYR A 99 -21.73 1.80 16.22
C TYR A 99 -22.52 0.46 16.37
N PRO A 100 -21.88 -0.68 16.05
CA PRO A 100 -20.55 -0.86 15.48
C PRO A 100 -20.64 -0.93 13.98
N VAL A 101 -19.53 -0.59 13.31
CA VAL A 101 -19.38 -0.72 11.89
C VAL A 101 -19.57 -2.21 11.61
N LEU A 102 -20.21 -2.52 10.49
CA LEU A 102 -20.68 -3.84 10.24
C LEU A 102 -20.78 -4.15 8.73
N PHE A 103 -20.12 -5.23 8.32
CA PHE A 103 -20.26 -5.77 6.98
C PHE A 103 -21.48 -6.73 6.85
N GLY A 104 -22.15 -6.67 5.72
CA GLY A 104 -23.12 -7.69 5.41
C GLY A 104 -22.42 -9.02 5.23
N GLN A 105 -23.17 -10.09 5.06
CA GLN A 105 -22.61 -11.46 5.08
C GLN A 105 -21.94 -11.83 3.77
N GLY A 106 -22.11 -10.98 2.76
CA GLY A 106 -21.49 -11.19 1.48
C GLY A 106 -22.41 -11.89 0.47
N THR A 107 -22.25 -11.52 -0.80
CA THR A 107 -22.95 -12.17 -1.92
C THR A 107 -21.88 -12.60 -2.88
N ARG A 108 -21.86 -13.90 -3.15
CA ARG A 108 -20.94 -14.50 -4.05
C ARG A 108 -21.52 -14.42 -5.46
N LEU A 109 -20.76 -13.82 -6.36
CA LEU A 109 -21.20 -13.67 -7.75
C LEU A 109 -20.35 -14.52 -8.64
N GLU A 110 -21.01 -15.40 -9.39
CA GLU A 110 -20.32 -16.27 -10.32
C GLU A 110 -21.01 -16.19 -11.65
N ILE A 111 -20.35 -16.67 -12.70
CA ILE A 111 -20.89 -16.74 -14.03
C ILE A 111 -21.62 -18.05 -14.23
N LYS A 112 -22.83 -17.96 -14.79
CA LYS A 112 -23.65 -19.08 -15.07
C LYS A 112 -23.49 -19.52 -16.52
N ARG A 113 -23.25 -20.82 -16.68
CA ARG A 113 -23.20 -21.51 -17.96
C ARG A 113 -24.09 -22.74 -17.88
N THR A 114 -24.23 -23.47 -18.97
CA THR A 114 -25.02 -24.70 -18.97
C THR A 114 -24.31 -25.78 -18.11
N VAL A 115 -25.13 -26.66 -17.56
CA VAL A 115 -24.69 -27.70 -16.67
C VAL A 115 -23.70 -28.64 -17.35
N ALA A 116 -22.54 -28.84 -16.74
CA ALA A 116 -21.52 -29.68 -17.36
C ALA A 116 -21.06 -30.71 -16.33
N ALA A 117 -21.12 -31.97 -16.69
CA ALA A 117 -20.82 -33.07 -15.79
C ALA A 117 -19.33 -33.19 -15.67
N PRO A 118 -18.82 -33.43 -14.46
CA PRO A 118 -17.40 -33.69 -14.27
C PRO A 118 -16.86 -34.90 -15.01
N SER A 119 -15.57 -34.85 -15.34
CA SER A 119 -14.74 -36.04 -15.71
C SER A 119 -13.99 -36.53 -14.47
N VAL A 120 -14.08 -37.82 -14.17
CA VAL A 120 -13.54 -38.37 -12.93
C VAL A 120 -12.26 -39.16 -13.20
N PHE A 121 -11.25 -38.95 -12.36
CA PHE A 121 -10.03 -39.69 -12.40
C PHE A 121 -9.64 -40.11 -11.02
N ILE A 122 -9.15 -41.36 -10.89
CA ILE A 122 -8.71 -41.91 -9.59
C ILE A 122 -7.21 -42.26 -9.63
N PHE A 123 -6.49 -41.96 -8.54
CA PHE A 123 -5.01 -42.13 -8.53
C PHE A 123 -4.62 -42.94 -7.33
N PRO A 124 -4.06 -44.13 -7.53
CA PRO A 124 -3.59 -44.84 -6.37
C PRO A 124 -2.44 -44.09 -5.66
N PRO A 125 -2.03 -44.59 -4.49
CA PRO A 125 -0.90 -43.96 -3.83
C PRO A 125 0.38 -44.32 -4.54
N SER A 126 1.34 -43.42 -4.51
CA SER A 126 2.67 -43.69 -5.05
C SER A 126 3.37 -44.73 -4.18
N ASP A 127 4.11 -45.63 -4.81
CA ASP A 127 4.93 -46.57 -4.02
C ASP A 127 5.96 -45.83 -3.14
N GLU A 128 6.33 -44.59 -3.53
CA GLU A 128 7.16 -43.74 -2.70
C GLU A 128 6.48 -43.32 -1.40
N GLN A 129 5.19 -42.99 -1.44
CA GLN A 129 4.49 -42.61 -0.21
C GLN A 129 4.34 -43.82 0.65
N LEU A 130 4.10 -44.97 0.02
CA LEU A 130 3.90 -46.21 0.75
C LEU A 130 5.13 -46.58 1.54
N LYS A 131 6.32 -46.34 0.98
CA LYS A 131 7.56 -46.53 1.71
C LYS A 131 7.72 -45.68 2.96
N SER A 132 6.69 -44.97 3.41
CA SER A 132 6.85 -44.09 4.56
C SER A 132 5.73 -44.15 5.60
N GLY A 133 4.77 -45.07 5.45
CA GLY A 133 3.75 -45.30 6.50
C GLY A 133 2.31 -44.93 6.15
N THR A 134 2.12 -44.04 5.17
CA THR A 134 0.76 -43.56 4.81
C THR A 134 0.45 -43.89 3.34
N ALA A 135 -0.84 -44.01 3.07
CA ALA A 135 -1.37 -44.14 1.72
C ALA A 135 -2.39 -43.00 1.50
N SER A 136 -2.13 -42.12 0.53
CA SER A 136 -3.16 -41.14 0.12
C SER A 136 -3.69 -41.54 -1.22
N VAL A 137 -5.01 -41.73 -1.33
CA VAL A 137 -5.63 -41.98 -2.62
C VAL A 137 -6.45 -40.76 -3.04
N VAL A 138 -6.34 -40.36 -4.31
CA VAL A 138 -6.89 -39.10 -4.80
C VAL A 138 -7.90 -39.29 -5.94
N CYS A 139 -9.05 -38.62 -5.84
CA CYS A 139 -10.10 -38.57 -6.89
C CYS A 139 -10.15 -37.12 -7.49
N LEU A 140 -10.17 -37.03 -8.81
CA LEU A 140 -10.24 -35.73 -9.45
C LEU A 140 -11.56 -35.60 -10.18
N LEU A 141 -12.29 -34.52 -9.92
CA LEU A 141 -13.45 -34.17 -10.72
C LEU A 141 -13.14 -32.94 -11.52
N ASN A 142 -13.09 -33.10 -12.82
CA ASN A 142 -12.57 -32.05 -13.66
C ASN A 142 -13.65 -31.32 -14.46
N ASN A 143 -13.55 -29.98 -14.50
CA ASN A 143 -14.27 -29.10 -15.44
C ASN A 143 -15.78 -29.22 -15.46
N PHE A 144 -16.41 -28.98 -14.32
CA PHE A 144 -17.84 -29.22 -14.10
C PHE A 144 -18.58 -27.94 -13.59
N TYR A 145 -19.89 -27.96 -13.73
CA TYR A 145 -20.73 -26.84 -13.32
C TYR A 145 -22.12 -27.31 -13.17
N PRO A 146 -22.77 -26.91 -12.10
CA PRO A 146 -22.43 -25.99 -11.03
C PRO A 146 -21.45 -26.57 -10.00
N ARG A 147 -21.12 -25.76 -9.00
CA ARG A 147 -20.05 -26.07 -8.04
C ARG A 147 -20.34 -27.26 -7.13
N GLU A 148 -21.60 -27.55 -6.84
CA GLU A 148 -21.93 -28.63 -5.91
C GLU A 148 -21.63 -30.01 -6.52
N ALA A 149 -20.98 -30.88 -5.76
CA ALA A 149 -20.71 -32.23 -6.18
C ALA A 149 -20.55 -33.08 -4.98
N LYS A 150 -20.69 -34.38 -5.11
CA LYS A 150 -20.54 -35.25 -3.96
C LYS A 150 -19.65 -36.39 -4.35
N VAL A 151 -18.61 -36.63 -3.56
CA VAL A 151 -17.74 -37.76 -3.75
C VAL A 151 -17.96 -38.75 -2.62
N GLN A 152 -18.16 -40.01 -2.96
CA GLN A 152 -18.30 -41.08 -1.98
C GLN A 152 -17.17 -42.10 -2.18
N TRP A 153 -16.38 -42.28 -1.15
CA TRP A 153 -15.31 -43.25 -1.15
C TRP A 153 -15.78 -44.60 -0.65
N LYS A 154 -15.45 -45.68 -1.39
CA LYS A 154 -15.71 -47.08 -0.99
C LYS A 154 -14.41 -47.92 -1.02
N VAL A 155 -14.20 -48.76 -0.01
CA VAL A 155 -13.05 -49.66 0.05
C VAL A 155 -13.63 -51.06 0.22
N ASP A 156 -13.42 -51.94 -0.75
CA ASP A 156 -14.11 -53.24 -0.80
C ASP A 156 -15.59 -53.11 -0.42
N ASN A 157 -16.21 -52.09 -0.98
CA ASN A 157 -17.63 -51.80 -0.78
C ASN A 157 -18.07 -51.31 0.63
N ALA A 158 -17.11 -50.93 1.47
CA ALA A 158 -17.44 -50.26 2.72
C ALA A 158 -17.41 -48.72 2.49
N LEU A 159 -18.51 -48.03 2.73
CA LEU A 159 -18.55 -46.58 2.55
C LEU A 159 -17.71 -45.85 3.60
N GLN A 160 -16.79 -44.99 3.15
CA GLN A 160 -15.87 -44.31 4.05
C GLN A 160 -16.39 -42.95 4.46
N SER A 161 -16.29 -42.65 5.74
CA SER A 161 -16.53 -41.28 6.21
C SER A 161 -15.57 -40.87 7.30
N GLY A 162 -15.31 -39.56 7.34
CA GLY A 162 -14.46 -38.95 8.36
C GLY A 162 -12.97 -39.01 8.03
N ASN A 163 -12.61 -39.60 6.89
CA ASN A 163 -11.20 -39.80 6.52
C ASN A 163 -10.88 -39.26 5.17
N SER A 164 -11.75 -38.43 4.63
CA SER A 164 -11.39 -37.75 3.41
C SER A 164 -11.43 -36.27 3.66
N GLN A 165 -10.91 -35.54 2.69
CA GLN A 165 -10.94 -34.09 2.73
C GLN A 165 -10.87 -33.65 1.31
N GLU A 166 -11.50 -32.52 1.01
CA GLU A 166 -11.59 -32.09 -0.37
C GLU A 166 -11.40 -30.59 -0.51
N SER A 167 -11.24 -30.20 -1.77
CA SER A 167 -10.87 -28.85 -2.11
C SER A 167 -11.41 -28.51 -3.51
N VAL A 168 -11.81 -27.26 -3.73
CA VAL A 168 -12.38 -26.81 -5.01
C VAL A 168 -11.72 -25.56 -5.57
N THR A 169 -11.52 -25.53 -6.87
CA THR A 169 -10.91 -24.35 -7.52
C THR A 169 -11.84 -23.13 -7.51
N GLU A 170 -11.28 -21.97 -7.80
CA GLU A 170 -12.06 -20.82 -8.20
C GLU A 170 -12.56 -21.08 -9.61
N GLN A 171 -13.60 -20.35 -10.03
CA GLN A 171 -14.18 -20.56 -11.34
C GLN A 171 -13.20 -20.18 -12.42
N ASP A 172 -13.09 -21.02 -13.44
CA ASP A 172 -12.22 -20.72 -14.57
C ASP A 172 -12.82 -19.58 -15.41
N SER A 173 -12.02 -18.58 -15.75
CA SER A 173 -12.56 -17.41 -16.46
C SER A 173 -12.89 -17.75 -17.91
N LYS A 174 -12.14 -18.68 -18.48
CA LYS A 174 -12.39 -19.22 -19.83
C LYS A 174 -13.77 -19.92 -19.94
N ASP A 175 -13.89 -21.12 -19.37
CA ASP A 175 -15.09 -21.92 -19.60
C ASP A 175 -16.10 -21.86 -18.47
N SER A 176 -15.77 -21.12 -17.41
CA SER A 176 -16.66 -20.93 -16.24
C SER A 176 -16.93 -22.25 -15.47
N THR A 177 -15.97 -23.17 -15.52
CA THR A 177 -16.09 -24.44 -14.81
C THR A 177 -15.29 -24.46 -13.48
N TYR A 178 -15.50 -25.51 -12.70
CA TYR A 178 -14.83 -25.77 -11.43
C TYR A 178 -14.20 -27.14 -11.52
N SER A 179 -13.19 -27.37 -10.71
CA SER A 179 -12.67 -28.70 -10.55
C SER A 179 -12.56 -28.99 -9.09
N LEU A 180 -12.52 -30.28 -8.75
CA LEU A 180 -12.47 -30.69 -7.36
C LEU A 180 -11.56 -31.86 -7.19
N SER A 181 -11.00 -31.94 -6.00
CA SER A 181 -10.00 -32.92 -5.63
C SER A 181 -10.38 -33.43 -4.27
N SER A 182 -10.38 -34.74 -4.10
CA SER A 182 -10.67 -35.32 -2.82
C SER A 182 -9.57 -36.33 -2.52
N THR A 183 -9.06 -36.33 -1.30
CA THR A 183 -8.05 -37.27 -0.88
C THR A 183 -8.55 -38.13 0.27
N LEU A 184 -8.43 -39.45 0.11
CA LEU A 184 -8.74 -40.44 1.16
C LEU A 184 -7.41 -40.79 1.78
N THR A 185 -7.26 -40.64 3.09
CA THR A 185 -6.06 -41.06 3.80
C THR A 185 -6.20 -42.34 4.61
N LEU A 186 -5.35 -43.31 4.39
CA LEU A 186 -5.30 -44.54 5.22
C LEU A 186 -3.89 -44.75 5.75
N SER A 187 -3.77 -45.54 6.80
CA SER A 187 -2.48 -46.08 7.18
C SER A 187 -2.06 -47.10 6.11
N LYS A 188 -0.75 -47.33 5.98
CA LYS A 188 -0.26 -48.35 5.05
C LYS A 188 -0.79 -49.77 5.35
N ALA A 189 -0.92 -50.10 6.64
CA ALA A 189 -1.36 -51.45 7.04
C ALA A 189 -2.77 -51.68 6.58
N ASP A 190 -3.59 -50.65 6.73
CA ASP A 190 -5.00 -50.70 6.30
C ASP A 190 -5.08 -50.72 4.79
N TYR A 191 -4.28 -49.89 4.14
CA TYR A 191 -4.29 -49.85 2.69
C TYR A 191 -4.02 -51.26 2.12
N GLU A 192 -3.06 -51.96 2.71
CA GLU A 192 -2.62 -53.27 2.26
C GLU A 192 -3.53 -54.45 2.59
N LYS A 193 -4.51 -54.25 3.45
CA LYS A 193 -5.53 -55.28 3.76
C LYS A 193 -6.69 -55.36 2.76
N HIS A 194 -6.81 -54.43 1.83
CA HIS A 194 -8.04 -54.35 1.01
C HIS A 194 -7.73 -54.33 -0.48
N LYS A 195 -8.65 -54.82 -1.30
CA LYS A 195 -8.41 -54.92 -2.73
C LYS A 195 -8.94 -53.68 -3.52
N VAL A 196 -10.25 -53.52 -3.60
CA VAL A 196 -10.83 -52.56 -4.57
C VAL A 196 -11.04 -51.17 -4.00
N TYR A 197 -10.43 -50.14 -4.60
CA TYR A 197 -10.65 -48.75 -4.12
C TYR A 197 -11.44 -48.01 -5.17
N ALA A 198 -12.52 -47.36 -4.72
CA ALA A 198 -13.47 -46.67 -5.63
C ALA A 198 -13.81 -45.25 -5.18
N CYS A 199 -13.97 -44.30 -6.11
CA CYS A 199 -14.72 -43.10 -5.77
C CYS A 199 -15.96 -42.93 -6.62
N GLU A 200 -17.12 -42.77 -5.95
CA GLU A 200 -18.42 -42.64 -6.61
C GLU A 200 -18.86 -41.19 -6.59
N VAL A 201 -19.12 -40.64 -7.78
CA VAL A 201 -19.38 -39.19 -7.93
C VAL A 201 -20.85 -38.92 -8.33
N THR A 202 -21.47 -38.01 -7.60
CA THR A 202 -22.82 -37.58 -7.87
C THR A 202 -22.85 -36.07 -8.26
N HIS A 203 -23.55 -35.72 -9.34
CA HIS A 203 -23.63 -34.33 -9.80
C HIS A 203 -24.89 -34.11 -10.62
N GLN A 204 -25.38 -32.87 -10.57
CA GLN A 204 -26.52 -32.47 -11.39
C GLN A 204 -26.45 -32.92 -12.84
N GLY A 205 -25.28 -32.88 -13.48
CA GLY A 205 -25.14 -33.17 -14.93
C GLY A 205 -24.95 -34.65 -15.30
N LEU A 206 -25.12 -35.53 -14.31
CA LEU A 206 -24.95 -36.96 -14.47
C LEU A 206 -26.28 -37.60 -14.16
N SER A 207 -26.81 -38.36 -15.13
CA SER A 207 -28.01 -39.18 -14.92
C SER A 207 -27.82 -40.12 -13.74
N SER A 208 -26.61 -40.65 -13.63
CA SER A 208 -26.32 -41.62 -12.59
C SER A 208 -24.93 -41.44 -12.06
N PRO A 209 -24.69 -41.87 -10.83
CA PRO A 209 -23.34 -41.83 -10.28
C PRO A 209 -22.34 -42.46 -11.21
N VAL A 210 -21.19 -41.81 -11.32
CA VAL A 210 -20.06 -42.30 -12.06
C VAL A 210 -19.04 -42.80 -11.03
N THR A 211 -18.45 -43.96 -11.32
CA THR A 211 -17.57 -44.61 -10.38
C THR A 211 -16.27 -45.03 -11.09
N LYS A 212 -15.14 -44.64 -10.51
CA LYS A 212 -13.83 -45.06 -10.99
C LYS A 212 -13.16 -45.86 -9.93
N SER A 213 -12.45 -46.89 -10.30
CA SER A 213 -11.77 -47.68 -9.32
C SER A 213 -10.49 -48.27 -9.82
N PHE A 214 -9.74 -48.86 -8.91
CA PHE A 214 -8.56 -49.66 -9.24
C PHE A 214 -8.44 -50.81 -8.25
N ASN A 215 -7.72 -51.86 -8.62
CA ASN A 215 -7.39 -52.92 -7.68
C ASN A 215 -5.95 -52.78 -7.24
N ARG A 216 -5.73 -52.55 -5.96
CA ARG A 216 -4.40 -52.67 -5.40
C ARG A 216 -3.85 -54.05 -5.75
N GLY A 217 -2.60 -54.09 -6.19
CA GLY A 217 -1.98 -55.36 -6.59
C GLY A 217 -1.93 -55.54 -8.10
N GLU A 218 -2.89 -54.96 -8.80
CA GLU A 218 -2.89 -54.92 -10.26
C GLU A 218 -2.52 -53.52 -10.74
N CYS A 219 -1.42 -52.99 -10.20
CA CYS A 219 -1.12 -51.55 -10.34
C CYS A 219 0.40 -51.24 -10.33
N GLN B 1 -2.62 12.21 0.66
CA GLN B 1 -2.46 10.80 0.25
C GLN B 1 -1.64 10.00 1.28
N VAL B 2 -2.19 8.88 1.73
CA VAL B 2 -1.57 8.07 2.80
C VAL B 2 -1.19 6.68 2.32
N GLN B 3 -0.19 6.08 2.96
CA GLN B 3 0.28 4.74 2.62
C GLN B 3 0.51 3.91 3.90
N LEU B 4 -0.09 2.73 3.93
CA LEU B 4 -0.08 1.89 5.11
C LEU B 4 0.76 0.64 4.86
N VAL B 5 1.64 0.33 5.80
CA VAL B 5 2.53 -0.81 5.64
C VAL B 5 2.51 -1.71 6.86
N GLN B 6 2.04 -2.94 6.66
CA GLN B 6 1.84 -3.84 7.79
C GLN B 6 3.03 -4.77 8.01
N SER B 7 3.06 -5.31 9.23
CA SER B 7 4.03 -6.32 9.61
C SER B 7 3.73 -7.66 8.94
N GLY B 8 4.77 -8.48 8.85
CA GLY B 8 4.74 -9.69 8.05
C GLY B 8 3.97 -10.84 8.66
N ALA B 9 4.02 -11.98 7.96
CA ALA B 9 3.34 -13.19 8.33
C ALA B 9 3.71 -13.65 9.72
N GLU B 10 2.73 -14.10 10.50
CA GLU B 10 3.01 -14.61 11.85
C GLU B 10 2.43 -16.00 12.04
N VAL B 11 3.16 -16.82 12.79
CA VAL B 11 2.70 -18.16 13.17
C VAL B 11 2.67 -18.24 14.70
N LYS B 12 1.51 -18.46 15.29
CA LYS B 12 1.37 -18.52 16.75
C LYS B 12 0.57 -19.72 17.21
N LYS B 13 0.75 -20.08 18.47
CA LYS B 13 0.19 -21.30 19.04
C LYS B 13 -1.16 -20.97 19.68
N PRO B 14 -2.05 -21.98 19.78
CA PRO B 14 -3.33 -21.74 20.45
C PRO B 14 -3.15 -21.24 21.88
N GLY B 15 -4.00 -20.29 22.28
CA GLY B 15 -3.91 -19.67 23.61
C GLY B 15 -3.03 -18.43 23.67
N ALA B 16 -2.10 -18.30 22.72
CA ALA B 16 -1.14 -17.22 22.74
C ALA B 16 -1.77 -15.90 22.25
N SER B 17 -0.91 -14.92 22.05
CA SER B 17 -1.32 -13.59 21.59
C SER B 17 -0.51 -13.25 20.32
N VAL B 18 -1.10 -12.44 19.44
CA VAL B 18 -0.39 -11.89 18.26
C VAL B 18 -0.57 -10.38 18.18
N LYS B 19 0.50 -9.68 17.75
CA LYS B 19 0.51 -8.22 17.60
C LYS B 19 0.91 -7.87 16.17
N VAL B 20 0.03 -7.20 15.45
CA VAL B 20 0.23 -6.80 14.07
C VAL B 20 0.34 -5.30 14.05
N SER B 21 1.31 -4.76 13.30
CA SER B 21 1.49 -3.32 13.20
C SER B 21 1.06 -2.79 11.84
N CYS B 22 0.82 -1.48 11.77
CA CYS B 22 0.40 -0.75 10.56
C CYS B 22 1.11 0.61 10.59
N LYS B 23 2.18 0.75 9.81
CA LYS B 23 2.91 2.00 9.74
C LYS B 23 2.24 2.95 8.73
N ALA B 24 1.84 4.13 9.21
CA ALA B 24 1.24 5.12 8.33
C ALA B 24 2.32 6.11 7.88
N SER B 25 2.20 6.62 6.65
CA SER B 25 3.06 7.70 6.17
C SER B 25 2.35 8.52 5.12
N GLY B 26 2.69 9.81 5.06
CA GLY B 26 2.03 10.76 4.18
C GLY B 26 1.77 12.04 4.97
N TYR B 27 1.04 12.96 4.36
CA TYR B 27 0.68 14.21 5.02
C TYR B 27 -0.47 13.94 6.00
N TYR B 28 -0.35 14.44 7.22
CA TYR B 28 -1.39 14.32 8.25
C TYR B 28 -1.88 12.88 8.43
N THR B 29 -0.99 12.00 8.86
CA THR B 29 -1.38 10.63 9.15
C THR B 29 -2.37 10.56 10.36
N GLU B 30 -2.26 11.54 11.27
CA GLU B 30 -3.13 11.63 12.48
C GLU B 30 -4.63 11.90 12.21
N ALA B 31 -4.95 12.38 11.01
CA ALA B 31 -6.35 12.66 10.61
C ALA B 31 -7.10 11.45 10.06
N TYR B 32 -6.43 10.31 9.87
CA TYR B 32 -7.12 9.11 9.35
C TYR B 32 -7.33 8.07 10.43
N TYR B 33 -8.59 7.69 10.67
CA TYR B 33 -8.84 6.59 11.57
C TYR B 33 -8.41 5.33 10.84
N ILE B 34 -7.64 4.51 11.55
CA ILE B 34 -7.21 3.20 11.08
C ILE B 34 -8.17 2.14 11.57
N HIS B 35 -8.71 1.34 10.65
CA HIS B 35 -9.53 0.19 10.99
C HIS B 35 -8.78 -1.13 10.77
N TRP B 36 -9.23 -2.18 11.43
CA TRP B 36 -8.76 -3.53 11.15
C TRP B 36 -9.92 -4.37 10.68
N VAL B 37 -9.65 -5.13 9.66
CA VAL B 37 -10.64 -6.00 9.13
C VAL B 37 -9.95 -7.32 8.93
N ARG B 38 -10.69 -8.41 9.02
CA ARG B 38 -10.13 -9.72 8.75
C ARG B 38 -11.00 -10.62 7.85
N GLN B 39 -10.32 -11.55 7.18
CA GLN B 39 -10.98 -12.53 6.35
C GLN B 39 -10.43 -13.91 6.64
N ALA B 40 -11.22 -14.73 7.30
CA ALA B 40 -10.84 -16.10 7.51
C ALA B 40 -11.16 -16.91 6.23
N PRO B 41 -10.52 -18.09 6.10
CA PRO B 41 -10.68 -18.96 4.92
C PRO B 41 -12.15 -19.37 4.66
N GLY B 42 -12.61 -19.09 3.44
CA GLY B 42 -14.02 -19.21 3.10
C GLY B 42 -14.90 -18.07 3.60
N GLN B 43 -14.56 -17.53 4.78
CA GLN B 43 -15.47 -16.64 5.55
C GLN B 43 -15.62 -15.25 4.98
N GLY B 44 -16.60 -14.54 5.51
CA GLY B 44 -16.86 -13.19 5.12
C GLY B 44 -15.89 -12.25 5.80
N LEU B 45 -15.85 -11.02 5.32
CA LEU B 45 -15.13 -9.93 5.96
C LEU B 45 -15.77 -9.58 7.27
N GLU B 46 -14.93 -9.39 8.27
CA GLU B 46 -15.40 -9.08 9.63
C GLU B 46 -14.66 -7.83 10.07
N TRP B 47 -15.41 -6.85 10.55
CA TRP B 47 -14.81 -5.63 11.08
C TRP B 47 -14.47 -5.83 12.55
N MET B 48 -13.21 -5.57 12.90
CA MET B 48 -12.66 -5.80 14.24
C MET B 48 -12.68 -4.57 15.15
N GLY B 49 -12.49 -3.39 14.58
CA GLY B 49 -12.55 -2.15 15.38
C GLY B 49 -11.78 -1.06 14.69
N ARG B 50 -11.81 0.18 15.20
CA ARG B 50 -10.98 1.31 14.73
C ARG B 50 -10.23 1.93 15.90
N ILE B 51 -9.10 2.58 15.60
CA ILE B 51 -8.44 3.50 16.50
C ILE B 51 -8.31 4.91 15.86
N ASP B 52 -8.57 5.96 16.64
CA ASP B 52 -8.30 7.35 16.25
C ASP B 52 -6.88 7.65 16.67
N PRO B 53 -5.96 7.81 15.69
CA PRO B 53 -4.57 8.10 16.06
C PRO B 53 -4.39 9.43 16.78
N ALA B 54 -5.29 10.38 16.54
CA ALA B 54 -5.23 11.67 17.20
C ALA B 54 -5.19 11.48 18.74
N THR B 55 -6.18 10.78 19.26
CA THR B 55 -6.42 10.65 20.70
C THR B 55 -6.12 9.26 21.28
N GLY B 56 -6.10 8.24 20.44
CA GLY B 56 -5.92 6.86 20.87
C GLY B 56 -7.23 6.17 21.20
N ASN B 57 -8.37 6.84 20.95
CA ASN B 57 -9.68 6.31 21.30
C ASN B 57 -10.12 5.20 20.35
N THR B 58 -10.67 4.14 20.93
CA THR B 58 -10.91 2.92 20.18
C THR B 58 -12.36 2.50 20.30
N LYS B 59 -12.84 1.79 19.29
CA LYS B 59 -14.15 1.13 19.29
C LYS B 59 -13.95 -0.30 18.80
N TYR B 60 -14.58 -1.29 19.41
CA TYR B 60 -14.32 -2.67 19.00
C TYR B 60 -15.60 -3.38 18.57
N ALA B 61 -15.49 -4.33 17.65
CA ALA B 61 -16.60 -5.23 17.40
C ALA B 61 -16.91 -5.98 18.72
N PRO B 62 -18.18 -6.08 19.10
CA PRO B 62 -18.53 -6.63 20.40
C PRO B 62 -18.16 -8.09 20.59
N ARG B 63 -18.18 -8.86 19.51
CA ARG B 63 -17.81 -10.25 19.56
C ARG B 63 -16.36 -10.47 19.94
N LEU B 64 -15.53 -9.43 19.80
CA LEU B 64 -14.09 -9.52 20.00
C LEU B 64 -13.55 -8.64 21.13
N GLN B 65 -14.38 -7.75 21.69
CA GLN B 65 -13.94 -6.71 22.64
C GLN B 65 -13.07 -7.28 23.77
N ASP B 66 -13.54 -8.34 24.39
CA ASP B 66 -12.80 -8.98 25.47
C ASP B 66 -11.37 -9.41 25.08
N ARG B 67 -11.11 -9.63 23.79
CA ARG B 67 -9.86 -10.27 23.34
C ARG B 67 -8.90 -9.40 22.54
N VAL B 68 -9.35 -8.27 21.99
CA VAL B 68 -8.48 -7.45 21.14
C VAL B 68 -8.20 -6.07 21.72
N THR B 69 -6.99 -5.55 21.49
CA THR B 69 -6.65 -4.18 21.87
C THR B 69 -6.06 -3.44 20.69
N MET B 70 -6.38 -2.16 20.55
CA MET B 70 -5.76 -1.30 19.55
C MET B 70 -5.05 -0.12 20.20
N THR B 71 -3.78 0.02 19.82
CA THR B 71 -2.87 0.99 20.39
C THR B 71 -2.16 1.73 19.25
N ARG B 72 -1.54 2.85 19.62
CA ARG B 72 -0.97 3.82 18.70
C ARG B 72 0.43 4.20 19.22
N ASP B 73 1.32 4.65 18.32
CA ASP B 73 2.58 5.31 18.72
C ASP B 73 2.73 6.51 17.83
N THR B 74 2.52 7.71 18.40
CA THR B 74 2.50 8.94 17.60
C THR B 74 3.88 9.35 17.04
N SER B 75 4.96 9.06 17.75
CA SER B 75 6.31 9.39 17.24
C SER B 75 6.59 8.61 15.95
N THR B 76 6.21 7.33 15.92
CA THR B 76 6.42 6.47 14.77
C THR B 76 5.21 6.30 13.83
N SER B 77 4.15 7.11 14.02
CA SER B 77 2.86 6.99 13.25
C SER B 77 2.52 5.55 12.93
N THR B 78 2.60 4.71 13.94
CA THR B 78 2.27 3.30 13.80
C THR B 78 1.04 2.98 14.67
N VAL B 79 0.15 2.12 14.20
CA VAL B 79 -0.89 1.55 15.06
C VAL B 79 -0.78 0.03 15.18
N TYR B 80 -1.22 -0.49 16.30
CA TYR B 80 -0.98 -1.89 16.61
C TYR B 80 -2.31 -2.57 16.92
N MET B 81 -2.41 -3.84 16.60
CA MET B 81 -3.58 -4.60 17.01
C MET B 81 -3.16 -5.93 17.60
N GLU B 82 -3.62 -6.20 18.83
CA GLU B 82 -3.24 -7.41 19.55
C GLU B 82 -4.46 -8.31 19.75
N LEU B 83 -4.39 -9.54 19.26
CA LEU B 83 -5.48 -10.48 19.46
C LEU B 83 -5.05 -11.59 20.40
N SER B 84 -5.67 -11.66 21.57
CA SER B 84 -5.28 -12.60 22.61
C SER B 84 -6.11 -13.84 22.55
N SER B 85 -5.67 -14.85 23.28
CA SER B 85 -6.41 -16.12 23.44
C SER B 85 -6.76 -16.68 22.08
N LEU B 86 -5.73 -16.83 21.25
CA LEU B 86 -5.93 -17.26 19.88
C LEU B 86 -6.49 -18.67 19.80
N ARG B 87 -7.55 -18.85 19.01
CA ARG B 87 -7.98 -20.17 18.57
C ARG B 87 -7.86 -20.29 17.06
N SER B 88 -8.02 -21.51 16.55
CA SER B 88 -7.74 -21.79 15.14
C SER B 88 -8.61 -21.01 14.16
N GLU B 89 -9.83 -20.65 14.56
CA GLU B 89 -10.72 -19.80 13.74
C GLU B 89 -10.28 -18.34 13.63
N ASP B 90 -9.19 -17.99 14.33
CA ASP B 90 -8.48 -16.72 14.14
C ASP B 90 -7.42 -16.74 13.02
N THR B 91 -7.09 -17.93 12.52
CA THR B 91 -6.24 -18.06 11.31
C THR B 91 -6.89 -17.30 10.18
N ALA B 92 -6.24 -16.27 9.64
CA ALA B 92 -6.91 -15.40 8.64
C ALA B 92 -5.96 -14.36 8.15
N VAL B 93 -6.41 -13.60 7.14
CA VAL B 93 -5.73 -12.42 6.61
C VAL B 93 -6.29 -11.18 7.33
N TYR B 94 -5.44 -10.37 7.93
CA TYR B 94 -5.86 -9.16 8.66
C TYR B 94 -5.38 -7.92 7.92
N TYR B 95 -6.29 -7.02 7.61
CA TYR B 95 -5.94 -5.79 6.90
C TYR B 95 -6.11 -4.59 7.85
N CYS B 96 -5.25 -3.58 7.76
CA CYS B 96 -5.61 -2.24 8.28
C CYS B 96 -6.04 -1.40 7.12
N ALA B 97 -6.95 -0.47 7.36
CA ALA B 97 -7.52 0.35 6.29
C ALA B 97 -8.16 1.63 6.84
N SER B 98 -7.96 2.75 6.16
CA SER B 98 -8.70 3.95 6.48
C SER B 98 -10.05 3.89 5.76
N LEU B 99 -10.99 3.15 6.37
CA LEU B 99 -12.31 2.87 5.75
C LEU B 99 -13.16 4.15 5.58
N TYR B 100 -12.89 5.20 6.34
CA TYR B 100 -13.72 6.38 6.28
C TYR B 100 -13.30 7.35 5.18
N SER B 101 -12.08 7.20 4.63
CA SER B 101 -11.52 8.20 3.72
C SER B 101 -11.79 7.96 2.23
N LEU B 102 -11.64 9.02 1.43
CA LEU B 102 -11.77 8.93 -0.04
C LEU B 102 -10.44 9.13 -0.75
N PRO B 103 -9.87 8.08 -1.37
CA PRO B 103 -10.29 6.67 -1.40
C PRO B 103 -9.87 6.01 -0.11
N VAL B 104 -10.25 4.76 0.07
CA VAL B 104 -9.79 4.00 1.20
C VAL B 104 -8.35 3.61 0.95
N TYR B 105 -7.49 3.81 1.95
CA TYR B 105 -6.12 3.38 1.83
C TYR B 105 -5.95 2.08 2.62
N TRP B 106 -5.39 1.05 1.99
CA TRP B 106 -5.30 -0.29 2.55
C TRP B 106 -3.89 -0.62 2.86
N GLY B 107 -3.71 -1.41 3.92
CA GLY B 107 -2.46 -2.14 4.09
C GLY B 107 -2.44 -3.31 3.11
N GLN B 108 -1.32 -4.00 3.05
CA GLN B 108 -1.20 -5.08 2.09
C GLN B 108 -1.68 -6.44 2.64
N GLY B 109 -2.11 -6.49 3.90
CA GLY B 109 -2.49 -7.74 4.52
C GLY B 109 -1.35 -8.46 5.24
N THR B 110 -1.70 -9.03 6.38
CA THR B 110 -0.83 -9.84 7.16
C THR B 110 -1.56 -11.16 7.44
N THR B 111 -0.87 -12.27 7.25
CA THR B 111 -1.46 -13.58 7.45
C THR B 111 -1.11 -14.06 8.82
N VAL B 112 -2.11 -14.52 9.56
CA VAL B 112 -1.90 -15.10 10.87
C VAL B 112 -2.41 -16.53 10.87
N THR B 113 -1.55 -17.45 11.29
CA THR B 113 -1.85 -18.86 11.40
C THR B 113 -1.79 -19.33 12.87
N VAL B 114 -2.88 -19.86 13.38
CA VAL B 114 -2.92 -20.38 14.76
C VAL B 114 -2.80 -21.91 14.74
N SER B 115 -1.72 -22.41 15.35
CA SER B 115 -1.31 -23.81 15.19
C SER B 115 -0.09 -24.14 16.07
N SER B 116 0.02 -25.40 16.42
CA SER B 116 1.12 -25.92 17.21
C SER B 116 2.22 -26.52 16.33
N ALA B 117 1.90 -26.71 15.05
CA ALA B 117 2.85 -27.28 14.13
C ALA B 117 4.14 -26.49 14.06
N SER B 118 5.25 -27.18 13.81
CA SER B 118 6.46 -26.49 13.42
C SER B 118 6.72 -26.60 11.91
N THR B 119 7.49 -25.64 11.42
CA THR B 119 7.88 -25.52 10.01
C THR B 119 8.42 -26.80 9.43
N LYS B 120 7.85 -27.22 8.29
CA LYS B 120 8.25 -28.46 7.62
C LYS B 120 8.03 -28.29 6.12
N GLY B 121 9.07 -28.52 5.31
CA GLY B 121 8.96 -28.48 3.85
C GLY B 121 8.22 -29.71 3.34
N PRO B 122 7.62 -29.64 2.16
CA PRO B 122 6.77 -30.76 1.68
C PRO B 122 7.50 -31.98 1.11
N SER B 123 6.81 -33.11 1.12
CA SER B 123 7.16 -34.25 0.27
C SER B 123 6.29 -34.12 -0.97
N VAL B 124 6.85 -34.37 -2.16
CA VAL B 124 6.06 -34.35 -3.41
C VAL B 124 5.96 -35.72 -4.08
N PHE B 125 4.74 -36.21 -4.32
CA PHE B 125 4.50 -37.55 -4.89
C PHE B 125 3.73 -37.40 -6.19
N PRO B 126 3.90 -38.38 -7.10
CA PRO B 126 3.28 -38.31 -8.42
C PRO B 126 1.86 -38.82 -8.38
N LEU B 127 0.99 -38.21 -9.17
CA LEU B 127 -0.34 -38.69 -9.33
C LEU B 127 -0.43 -39.26 -10.76
N ALA B 128 -0.47 -40.58 -10.89
CA ALA B 128 -0.52 -41.20 -12.20
C ALA B 128 -1.61 -42.27 -12.23
N PRO B 129 -2.31 -42.38 -13.36
CA PRO B 129 -3.31 -43.43 -13.44
C PRO B 129 -2.70 -44.81 -13.25
N CYS B 130 -3.55 -45.77 -12.95
CA CYS B 130 -3.13 -47.16 -12.83
C CYS B 130 -2.72 -47.76 -14.20
N SER B 131 -3.48 -47.46 -15.27
CA SER B 131 -3.22 -47.98 -16.63
C SER B 131 -3.84 -47.09 -17.72
N SER B 137 -8.71 -40.62 -24.64
CA SER B 137 -8.35 -39.47 -25.46
C SER B 137 -7.55 -38.48 -24.60
N THR B 138 -8.15 -38.09 -23.48
CA THR B 138 -7.60 -37.07 -22.57
C THR B 138 -7.14 -37.67 -21.23
N ALA B 139 -5.83 -37.74 -21.02
CA ALA B 139 -5.30 -38.25 -19.77
C ALA B 139 -5.07 -37.13 -18.70
N ALA B 140 -4.75 -37.55 -17.49
CA ALA B 140 -4.51 -36.64 -16.43
C ALA B 140 -3.38 -37.17 -15.55
N LEU B 141 -2.52 -36.28 -15.11
CA LEU B 141 -1.50 -36.64 -14.18
C LEU B 141 -1.27 -35.48 -13.25
N GLY B 142 -0.48 -35.68 -12.21
CA GLY B 142 -0.31 -34.61 -11.26
C GLY B 142 0.67 -34.82 -10.13
N CYS B 143 0.64 -33.89 -9.19
CA CYS B 143 1.53 -33.88 -8.04
C CYS B 143 0.79 -33.74 -6.73
N LEU B 144 1.18 -34.55 -5.77
CA LEU B 144 0.64 -34.45 -4.44
C LEU B 144 1.77 -33.83 -3.58
N VAL B 145 1.49 -32.62 -3.10
CA VAL B 145 2.38 -31.86 -2.29
C VAL B 145 1.92 -31.93 -0.86
N LYS B 146 2.50 -32.87 -0.12
CA LYS B 146 1.98 -33.31 1.17
C LYS B 146 2.80 -32.86 2.39
N ASP B 147 2.11 -32.60 3.50
CA ASP B 147 2.72 -32.43 4.84
C ASP B 147 3.69 -31.23 4.97
N TYR B 148 3.20 -30.06 4.66
CA TYR B 148 4.02 -28.88 4.80
C TYR B 148 3.38 -27.92 5.73
N PHE B 149 4.17 -26.99 6.25
CA PHE B 149 3.63 -25.99 7.19
C PHE B 149 4.64 -24.91 7.39
N PRO B 150 4.21 -23.63 7.36
CA PRO B 150 2.87 -23.14 7.09
C PRO B 150 2.69 -22.97 5.61
N GLU B 151 1.52 -22.53 5.20
CA GLU B 151 1.28 -21.97 3.86
C GLU B 151 2.20 -20.75 3.61
N PRO B 152 2.34 -20.31 2.36
CA PRO B 152 1.87 -20.95 1.14
C PRO B 152 2.94 -21.81 0.50
N VAL B 153 2.50 -22.67 -0.42
CA VAL B 153 3.36 -23.32 -1.42
C VAL B 153 2.90 -22.82 -2.78
N THR B 154 3.84 -22.56 -3.70
CA THR B 154 3.56 -22.20 -5.11
C THR B 154 3.93 -23.37 -6.01
N VAL B 155 3.07 -23.68 -6.99
CA VAL B 155 3.31 -24.77 -7.91
C VAL B 155 3.24 -24.31 -9.33
N SER B 156 4.18 -24.76 -10.18
CA SER B 156 4.09 -24.60 -11.63
C SER B 156 4.53 -25.86 -12.34
N TRP B 157 4.29 -25.89 -13.65
CA TRP B 157 4.67 -27.04 -14.47
C TRP B 157 5.63 -26.61 -15.55
N ASN B 158 6.67 -27.43 -15.74
CA ASN B 158 7.64 -27.22 -16.81
C ASN B 158 8.15 -25.79 -16.74
N SER B 159 8.56 -25.41 -15.55
CA SER B 159 9.11 -24.07 -15.31
C SER B 159 8.25 -22.92 -15.84
N GLY B 160 6.96 -23.15 -15.98
CA GLY B 160 6.06 -22.09 -16.41
C GLY B 160 5.60 -22.18 -17.84
N ALA B 161 6.24 -23.01 -18.66
CA ALA B 161 5.88 -23.13 -20.04
C ALA B 161 4.56 -23.88 -20.23
N LEU B 162 4.13 -24.60 -19.20
CA LEU B 162 2.88 -25.36 -19.27
C LEU B 162 1.89 -24.72 -18.32
N THR B 163 0.81 -24.19 -18.91
CA THR B 163 -0.24 -23.49 -18.17
C THR B 163 -1.68 -23.97 -18.56
N SER B 164 -1.86 -24.37 -19.82
CA SER B 164 -3.16 -24.82 -20.30
C SER B 164 -3.57 -26.13 -19.61
N GLY B 165 -4.79 -26.17 -19.07
CA GLY B 165 -5.29 -27.40 -18.44
C GLY B 165 -4.66 -27.71 -17.07
N VAL B 166 -4.14 -26.69 -16.39
CA VAL B 166 -3.49 -26.86 -15.12
C VAL B 166 -4.47 -26.43 -14.08
N HIS B 167 -4.59 -27.22 -13.03
CA HIS B 167 -5.41 -26.82 -11.87
C HIS B 167 -4.62 -27.09 -10.60
N THR B 168 -4.36 -26.04 -9.84
CA THR B 168 -3.71 -26.15 -8.56
C THR B 168 -4.77 -25.84 -7.50
N PHE B 169 -4.99 -26.79 -6.60
CA PHE B 169 -6.11 -26.70 -5.66
C PHE B 169 -5.70 -25.97 -4.41
N PRO B 170 -6.68 -25.41 -3.67
CA PRO B 170 -6.42 -24.86 -2.34
C PRO B 170 -5.93 -25.96 -1.40
N ALA B 171 -5.11 -25.58 -0.43
CA ALA B 171 -4.53 -26.51 0.50
C ALA B 171 -5.61 -26.92 1.49
N VAL B 172 -5.60 -28.19 1.90
CA VAL B 172 -6.43 -28.61 3.03
C VAL B 172 -5.54 -28.79 4.24
N LEU B 173 -6.12 -28.65 5.43
CA LEU B 173 -5.40 -28.74 6.67
C LEU B 173 -5.70 -30.07 7.32
N GLN B 174 -4.68 -30.93 7.42
CA GLN B 174 -4.90 -32.27 7.91
C GLN B 174 -5.03 -32.35 9.44
N SER B 175 -5.46 -33.53 9.92
CA SER B 175 -5.59 -33.76 11.36
C SER B 175 -4.25 -33.54 12.06
N SER B 176 -3.17 -33.74 11.32
CA SER B 176 -1.82 -33.57 11.86
C SER B 176 -1.40 -32.11 12.02
N GLY B 177 -2.14 -31.19 11.41
CA GLY B 177 -1.83 -29.77 11.49
C GLY B 177 -0.99 -29.34 10.31
N LEU B 178 -0.67 -30.30 9.46
CA LEU B 178 0.10 -30.05 8.26
C LEU B 178 -0.84 -29.93 7.09
N TYR B 179 -0.49 -29.10 6.12
CA TYR B 179 -1.32 -28.86 4.95
C TYR B 179 -1.00 -29.81 3.82
N SER B 180 -1.91 -29.91 2.86
CA SER B 180 -1.68 -30.72 1.67
C SER B 180 -2.40 -30.14 0.47
N LEU B 181 -1.81 -30.21 -0.71
CA LEU B 181 -2.54 -29.84 -1.92
C LEU B 181 -2.13 -30.65 -3.12
N SER B 182 -2.98 -30.64 -4.13
CA SER B 182 -2.70 -31.35 -5.35
C SER B 182 -2.71 -30.39 -6.50
N SER B 183 -1.86 -30.67 -7.48
CA SER B 183 -1.87 -29.93 -8.73
C SER B 183 -1.91 -30.93 -9.85
N VAL B 184 -2.83 -30.71 -10.78
CA VAL B 184 -3.10 -31.65 -11.82
C VAL B 184 -3.03 -30.99 -13.17
N VAL B 185 -2.68 -31.78 -14.18
CA VAL B 185 -2.74 -31.30 -15.53
C VAL B 185 -3.40 -32.31 -16.46
N THR B 186 -4.11 -31.80 -17.45
CA THR B 186 -4.66 -32.61 -18.52
C THR B 186 -3.77 -32.53 -19.73
N VAL B 187 -3.33 -33.71 -20.16
CA VAL B 187 -2.51 -33.87 -21.33
C VAL B 187 -3.19 -34.84 -22.31
N PRO B 188 -2.79 -34.78 -23.60
CA PRO B 188 -3.09 -35.85 -24.55
C PRO B 188 -2.17 -37.06 -24.40
N SER B 189 -2.69 -38.27 -24.62
CA SER B 189 -1.84 -39.47 -24.86
C SER B 189 -0.93 -39.25 -26.09
N SER B 190 -1.49 -38.60 -27.11
CA SER B 190 -0.83 -38.05 -28.32
C SER B 190 0.66 -38.36 -28.55
N GLN B 196 4.82 -36.37 -23.39
CA GLN B 196 6.24 -36.74 -23.25
C GLN B 196 6.71 -36.60 -21.78
N THR B 197 7.02 -35.36 -21.35
CA THR B 197 7.57 -35.13 -20.00
C THR B 197 6.96 -33.89 -19.28
N TYR B 198 6.63 -34.11 -18.02
CA TYR B 198 5.93 -33.15 -17.19
C TYR B 198 6.54 -33.15 -15.81
N THR B 199 6.95 -31.96 -15.40
CA THR B 199 7.64 -31.75 -14.16
C THR B 199 6.91 -30.66 -13.39
N CYS B 200 6.52 -30.96 -12.17
CA CYS B 200 5.89 -29.95 -11.35
C CYS B 200 6.95 -29.34 -10.43
N ASN B 201 6.98 -28.01 -10.40
CA ASN B 201 7.98 -27.27 -9.62
C ASN B 201 7.32 -26.70 -8.41
N VAL B 202 7.80 -27.11 -7.26
CA VAL B 202 7.17 -26.76 -6.00
C VAL B 202 8.17 -25.97 -5.18
N ASP B 203 7.70 -24.87 -4.61
CA ASP B 203 8.54 -23.96 -3.86
C ASP B 203 7.85 -23.64 -2.53
N HIS B 204 8.58 -23.75 -1.43
CA HIS B 204 8.04 -23.54 -0.10
C HIS B 204 9.02 -22.70 0.66
N LYS B 205 8.87 -21.40 0.56
CA LYS B 205 9.87 -20.46 1.06
C LYS B 205 10.06 -20.49 2.56
N PRO B 206 9.00 -20.79 3.31
CA PRO B 206 9.24 -20.76 4.76
C PRO B 206 10.33 -21.76 5.20
N SER B 207 10.49 -22.87 4.48
CA SER B 207 11.54 -23.84 4.83
C SER B 207 12.64 -23.86 3.78
N ASN B 208 12.61 -22.89 2.88
CA ASN B 208 13.57 -22.76 1.80
C ASN B 208 13.72 -24.05 1.02
N THR B 209 12.59 -24.71 0.78
CA THR B 209 12.57 -25.98 0.07
C THR B 209 12.05 -25.76 -1.34
N LYS B 210 12.71 -26.43 -2.27
CA LYS B 210 12.29 -26.48 -3.66
C LYS B 210 12.41 -27.87 -4.21
N VAL B 211 11.34 -28.38 -4.82
CA VAL B 211 11.35 -29.71 -5.42
C VAL B 211 10.89 -29.66 -6.85
N ASP B 212 11.57 -30.39 -7.72
CA ASP B 212 11.13 -30.58 -9.11
C ASP B 212 10.88 -32.07 -9.33
N LYS B 213 9.60 -32.40 -9.48
CA LYS B 213 9.17 -33.77 -9.57
C LYS B 213 8.70 -34.07 -10.99
N THR B 214 9.34 -35.03 -11.62
CA THR B 214 8.92 -35.50 -12.92
C THR B 214 7.99 -36.70 -12.78
N VAL B 215 6.89 -36.65 -13.51
CA VAL B 215 5.81 -37.63 -13.44
C VAL B 215 5.61 -38.26 -14.81
N GLU B 216 5.45 -39.58 -14.83
CA GLU B 216 5.44 -40.33 -16.10
C GLU B 216 4.05 -40.82 -16.50
N ARG B 217 3.95 -41.30 -17.73
CA ARG B 217 2.70 -41.82 -18.36
C ARG B 217 1.77 -40.66 -18.79
N ALA C 1 -6.52 21.70 4.29
CA ALA C 1 -6.35 20.32 4.83
C ALA C 1 -7.18 19.30 4.01
N ILE C 2 -7.53 18.15 4.61
CA ILE C 2 -7.86 16.94 3.83
C ILE C 2 -9.28 16.85 3.27
N ILE C 3 -9.40 16.70 1.94
CA ILE C 3 -10.71 16.57 1.27
C ILE C 3 -11.20 15.12 1.35
N GLY C 4 -12.49 14.93 1.57
CA GLY C 4 -13.10 13.60 1.53
C GLY C 4 -12.53 12.61 2.55
N LEU C 5 -12.30 13.10 3.76
CA LEU C 5 -11.62 12.34 4.81
C LEU C 5 -12.55 11.38 5.56
N MET C 6 -13.87 11.67 5.49
CA MET C 6 -14.89 10.97 6.27
C MET C 6 -16.14 10.73 5.46
N VAL C 7 -15.99 10.24 4.24
CA VAL C 7 -17.14 9.94 3.38
C VAL C 7 -17.68 8.51 3.57
N GLY C 8 -16.90 7.65 4.21
CA GLY C 8 -17.26 6.24 4.41
C GLY C 8 -17.94 5.93 5.74
N GLY C 9 -17.94 6.92 6.64
CA GLY C 9 -18.53 6.77 7.99
C GLY C 9 -18.20 7.83 9.05
N VAL C 10 -18.91 7.77 10.17
CA VAL C 10 -18.67 8.65 11.30
C VAL C 10 -18.34 7.94 12.61
N VAL C 11 -18.59 6.62 12.68
CA VAL C 11 -18.50 5.88 13.97
C VAL C 11 -17.09 5.75 14.61
N VAL D 2 32.17 3.22 -8.77
CA VAL D 2 30.99 2.91 -9.65
C VAL D 2 30.03 4.11 -9.70
N VAL D 3 29.52 4.41 -10.91
CA VAL D 3 28.66 5.56 -11.15
C VAL D 3 27.31 5.05 -11.66
N MET D 4 26.22 5.58 -11.10
CA MET D 4 24.86 5.25 -11.52
C MET D 4 24.23 6.42 -12.25
N THR D 5 23.72 6.16 -13.45
CA THR D 5 23.07 7.14 -14.29
C THR D 5 21.61 6.73 -14.53
N GLN D 6 20.69 7.45 -13.92
CA GLN D 6 19.25 7.22 -14.08
C GLN D 6 18.74 8.09 -15.22
N SER D 7 17.74 7.62 -15.95
CA SER D 7 17.19 8.35 -17.09
C SER D 7 15.75 8.01 -17.35
N PRO D 8 14.92 9.01 -17.72
CA PRO D 8 15.16 10.45 -17.69
C PRO D 8 15.04 10.99 -16.28
N LEU D 9 15.33 12.27 -16.10
CA LEU D 9 15.21 12.88 -14.79
C LEU D 9 13.79 13.26 -14.45
N SER D 10 12.99 13.60 -15.46
CA SER D 10 11.56 13.91 -15.24
C SER D 10 10.67 13.17 -16.23
N LEU D 11 9.56 12.58 -15.74
CA LEU D 11 8.78 11.64 -16.53
C LEU D 11 7.32 11.99 -16.37
N PRO D 12 6.80 12.88 -17.20
CA PRO D 12 5.36 13.15 -17.23
C PRO D 12 4.63 12.08 -18.04
N VAL D 13 3.63 11.42 -17.44
CA VAL D 13 2.93 10.29 -18.05
C VAL D 13 1.44 10.49 -18.01
N THR D 14 0.77 10.26 -19.14
CA THR D 14 -0.66 10.36 -19.20
C THR D 14 -1.28 9.23 -18.40
N LEU D 15 -2.32 9.57 -17.66
CA LEU D 15 -2.97 8.62 -16.80
C LEU D 15 -3.31 7.40 -17.61
N GLY D 16 -2.92 6.22 -17.10
CA GLY D 16 -3.25 4.94 -17.73
C GLY D 16 -2.17 4.43 -18.65
N GLN D 17 -1.16 5.26 -18.97
CA GLN D 17 -0.11 4.84 -19.94
C GLN D 17 0.97 4.08 -19.21
N PRO D 18 1.75 3.27 -19.94
CA PRO D 18 2.86 2.61 -19.31
C PRO D 18 4.02 3.57 -19.26
N ALA D 19 5.02 3.26 -18.44
CA ALA D 19 6.26 4.08 -18.36
C ALA D 19 7.45 3.18 -18.02
N SER D 20 8.64 3.64 -18.41
CA SER D 20 9.88 2.96 -18.07
C SER D 20 11.00 3.91 -17.67
N ILE D 21 11.83 3.47 -16.74
CA ILE D 21 12.88 4.28 -16.16
C ILE D 21 14.16 3.46 -16.35
N SER D 22 15.24 4.12 -16.71
CA SER D 22 16.45 3.40 -17.06
C SER D 22 17.51 3.71 -16.00
N CYS D 23 18.28 2.69 -15.63
CA CYS D 23 19.41 2.86 -14.71
C CYS D 23 20.59 2.15 -15.34
N LYS D 24 21.70 2.87 -15.53
CA LYS D 24 22.93 2.28 -16.10
C LYS D 24 24.07 2.44 -15.11
N SER D 25 24.80 1.37 -14.82
CA SER D 25 26.02 1.46 -14.03
C SER D 25 27.28 1.49 -14.89
N SER D 26 28.37 2.00 -14.32
CA SER D 26 29.65 2.11 -15.01
C SER D 26 30.40 0.76 -15.02
N GLN D 27 30.01 -0.15 -14.14
CA GLN D 27 30.45 -1.54 -14.23
C GLN D 27 29.38 -2.49 -13.75
N SER D 28 29.57 -3.76 -14.07
CA SER D 28 28.59 -4.78 -13.80
C SER D 28 28.28 -4.92 -12.34
N LEU D 29 27.03 -5.19 -12.03
CA LEU D 29 26.62 -5.39 -10.63
C LEU D 29 26.41 -6.87 -10.32
N LEU D 30 26.92 -7.74 -11.20
CA LEU D 30 26.93 -9.18 -10.97
C LEU D 30 28.03 -9.48 -9.97
N TYR D 31 27.67 -10.10 -8.86
CA TYR D 31 28.61 -10.41 -7.76
C TYR D 31 29.09 -11.86 -7.89
N SER D 32 29.98 -12.31 -7.00
CA SER D 32 30.61 -13.64 -7.12
C SER D 32 29.68 -14.86 -6.95
N ASP D 33 28.45 -14.65 -6.50
CA ASP D 33 27.34 -15.62 -6.72
C ASP D 33 26.77 -15.30 -8.09
N ALA D 34 25.76 -16.04 -8.52
CA ALA D 34 25.02 -15.59 -9.70
C ALA D 34 24.05 -14.44 -9.38
N LYS D 35 24.26 -13.69 -8.29
CA LYS D 35 23.29 -12.65 -7.90
C LYS D 35 23.74 -11.25 -8.31
N THR D 36 22.77 -10.43 -8.67
CA THR D 36 22.96 -9.03 -9.10
C THR D 36 22.11 -8.12 -8.21
N TYR D 37 22.78 -7.36 -7.31
CA TYR D 37 22.11 -6.51 -6.32
C TYR D 37 21.71 -5.12 -6.86
N LEU D 38 20.87 -5.09 -7.88
CA LEU D 38 20.23 -3.86 -8.29
C LEU D 38 18.80 -3.80 -7.69
N ASN D 39 18.48 -2.71 -6.99
CA ASN D 39 17.21 -2.50 -6.35
C ASN D 39 16.56 -1.25 -6.91
N TRP D 40 15.24 -1.15 -6.71
CA TRP D 40 14.52 0.03 -7.13
C TRP D 40 13.67 0.50 -5.98
N PHE D 41 13.74 1.79 -5.65
CA PHE D 41 13.01 2.41 -4.51
C PHE D 41 12.10 3.47 -5.03
N GLN D 42 11.11 3.81 -4.23
CA GLN D 42 10.15 4.82 -4.55
C GLN D 42 9.98 5.70 -3.36
N GLN D 43 9.86 7.01 -3.57
CA GLN D 43 9.39 7.90 -2.53
C GLN D 43 8.30 8.81 -3.05
N ARG D 44 7.10 8.65 -2.49
CA ARG D 44 5.94 9.47 -2.83
C ARG D 44 6.00 10.68 -1.93
N PRO D 45 5.41 11.81 -2.35
CA PRO D 45 5.39 13.04 -1.54
C PRO D 45 4.84 12.87 -0.10
N GLY D 46 5.58 13.36 0.89
CA GLY D 46 5.21 13.27 2.32
C GLY D 46 5.48 11.93 3.02
N GLN D 47 5.83 10.89 2.27
CA GLN D 47 6.03 9.57 2.83
C GLN D 47 7.48 9.16 2.91
N SER D 48 7.72 8.12 3.70
CA SER D 48 9.05 7.49 3.72
C SER D 48 9.28 6.72 2.45
N PRO D 49 10.55 6.60 2.04
CA PRO D 49 10.87 5.76 0.92
C PRO D 49 10.53 4.29 1.16
N ARG D 50 10.35 3.52 0.09
CA ARG D 50 10.14 2.09 0.24
C ARG D 50 10.82 1.36 -0.89
N ARG D 51 11.19 0.11 -0.66
CA ARG D 51 11.71 -0.69 -1.77
C ARG D 51 10.60 -1.37 -2.55
N LEU D 52 10.72 -1.28 -3.85
CA LEU D 52 9.74 -1.81 -4.78
C LEU D 52 10.20 -3.18 -5.23
N ILE D 53 11.49 -3.28 -5.54
CA ILE D 53 12.10 -4.42 -6.19
C ILE D 53 13.51 -4.66 -5.67
N TYR D 54 13.89 -5.93 -5.46
CA TYR D 54 15.28 -6.32 -5.17
C TYR D 54 15.74 -7.35 -6.22
N GLN D 55 17.05 -7.49 -6.35
CA GLN D 55 17.66 -8.40 -7.32
C GLN D 55 17.09 -8.34 -8.77
N ILE D 56 17.02 -7.11 -9.30
CA ILE D 56 16.62 -6.80 -10.69
C ILE D 56 15.15 -6.86 -10.92
N SER D 57 14.54 -8.02 -10.64
CA SER D 57 13.15 -8.27 -10.99
C SER D 57 12.24 -8.80 -9.86
N ARG D 58 12.76 -9.00 -8.66
CA ARG D 58 11.94 -9.53 -7.57
C ARG D 58 11.16 -8.44 -6.81
N LEU D 59 9.84 -8.58 -6.75
CA LEU D 59 8.95 -7.64 -6.05
C LEU D 59 9.01 -7.79 -4.55
N ASP D 60 9.17 -6.68 -3.83
CA ASP D 60 9.00 -6.68 -2.36
C ASP D 60 7.52 -6.91 -2.01
N PRO D 61 7.24 -7.31 -0.76
CA PRO D 61 5.84 -7.52 -0.37
C PRO D 61 5.12 -6.21 -0.21
N GLY D 62 3.87 -6.17 -0.69
CA GLY D 62 3.09 -4.94 -0.69
C GLY D 62 3.07 -4.25 -2.04
N VAL D 63 3.91 -4.70 -2.96
CA VAL D 63 4.12 -4.03 -4.25
C VAL D 63 3.19 -4.59 -5.34
N PRO D 64 2.44 -3.72 -6.00
CA PRO D 64 1.52 -4.28 -6.95
C PRO D 64 2.17 -4.85 -8.20
N ASP D 65 1.50 -5.80 -8.81
CA ASP D 65 1.89 -6.41 -10.09
C ASP D 65 2.25 -5.47 -11.27
N ARG D 66 1.75 -4.24 -11.23
CA ARG D 66 2.05 -3.19 -12.25
C ARG D 66 3.52 -2.88 -12.39
N PHE D 67 4.30 -3.05 -11.33
CA PHE D 67 5.73 -2.81 -11.39
C PHE D 67 6.46 -4.11 -11.84
N SER D 68 7.50 -3.92 -12.65
CA SER D 68 8.33 -5.03 -13.07
C SER D 68 9.73 -4.52 -13.37
N GLY D 69 10.69 -5.41 -13.26
CA GLY D 69 12.08 -5.03 -13.41
C GLY D 69 12.85 -5.94 -14.34
N SER D 70 13.82 -5.38 -15.03
CA SER D 70 14.58 -6.18 -15.97
C SER D 70 15.96 -5.64 -16.21
N GLY D 71 16.72 -6.46 -16.92
CA GLY D 71 18.07 -6.13 -17.29
C GLY D 71 19.07 -7.08 -16.67
N SER D 72 20.33 -6.71 -16.82
CA SER D 72 21.45 -7.52 -16.36
C SER D 72 22.75 -6.71 -16.49
N GLY D 73 23.74 -7.10 -15.69
CA GLY D 73 25.08 -6.55 -15.77
C GLY D 73 25.15 -5.08 -15.41
N THR D 74 25.09 -4.25 -16.46
CA THR D 74 25.22 -2.81 -16.35
C THR D 74 23.96 -2.02 -16.75
N ASP D 75 22.89 -2.71 -17.20
CA ASP D 75 21.73 -2.01 -17.80
C ASP D 75 20.36 -2.49 -17.28
N PHE D 76 19.56 -1.60 -16.71
CA PHE D 76 18.35 -1.98 -15.96
C PHE D 76 17.17 -1.08 -16.27
N THR D 77 15.98 -1.65 -16.25
CA THR D 77 14.78 -0.89 -16.55
C THR D 77 13.73 -1.19 -15.49
N LEU D 78 13.05 -0.15 -15.03
CA LEU D 78 11.87 -0.29 -14.20
C LEU D 78 10.65 0.04 -15.06
N LYS D 79 9.70 -0.90 -15.18
CA LYS D 79 8.49 -0.68 -15.97
C LYS D 79 7.30 -0.59 -15.04
N ILE D 80 6.36 0.30 -15.35
CA ILE D 80 5.05 0.35 -14.67
C ILE D 80 4.03 0.20 -15.78
N SER D 81 3.26 -0.88 -15.75
CA SER D 81 2.48 -1.25 -16.93
C SER D 81 1.33 -0.30 -17.19
N ARG D 82 0.82 0.32 -16.11
CA ARG D 82 -0.35 1.20 -16.19
C ARG D 82 -0.27 2.19 -15.04
N VAL D 83 -0.06 3.47 -15.34
CA VAL D 83 0.22 4.49 -14.33
C VAL D 83 -1.03 5.09 -13.68
N GLU D 84 -1.09 5.05 -12.35
CA GLU D 84 -2.17 5.69 -11.59
C GLU D 84 -1.68 6.95 -10.89
N ALA D 85 -2.58 7.71 -10.31
CA ALA D 85 -2.16 8.87 -9.52
C ALA D 85 -1.30 8.47 -8.31
N GLU D 86 -1.40 7.23 -7.82
CA GLU D 86 -0.65 6.81 -6.64
C GLU D 86 0.81 6.51 -6.97
N ASP D 87 1.17 6.60 -8.24
CA ASP D 87 2.53 6.36 -8.67
C ASP D 87 3.34 7.66 -8.77
N VAL D 88 2.69 8.79 -8.54
CA VAL D 88 3.38 10.07 -8.55
C VAL D 88 4.44 10.14 -7.45
N GLY D 89 5.69 10.32 -7.85
CA GLY D 89 6.77 10.49 -6.89
C GLY D 89 8.14 10.41 -7.55
N VAL D 90 9.15 10.09 -6.74
CA VAL D 90 10.51 9.97 -7.24
C VAL D 90 10.97 8.52 -7.12
N TYR D 91 11.70 8.04 -8.14
CA TYR D 91 12.13 6.67 -8.21
C TYR D 91 13.66 6.61 -8.31
N TYR D 92 14.27 5.75 -7.50
CA TYR D 92 15.72 5.68 -7.37
C TYR D 92 16.18 4.24 -7.59
N CYS D 93 17.21 4.01 -8.39
CA CYS D 93 17.89 2.75 -8.27
C CYS D 93 18.95 2.81 -7.15
N LEU D 94 19.28 1.62 -6.67
CA LEU D 94 20.30 1.42 -5.69
C LEU D 94 21.10 0.12 -5.94
N GLN D 95 22.39 0.33 -6.04
CA GLN D 95 23.39 -0.63 -6.33
C GLN D 95 23.92 -1.10 -4.98
N GLY D 96 23.83 -2.39 -4.72
CA GLY D 96 24.42 -2.97 -3.50
C GLY D 96 25.51 -4.01 -3.68
N THR D 97 26.22 -3.98 -4.82
CA THR D 97 27.27 -4.95 -5.10
C THR D 97 28.66 -4.48 -4.74
N HIS D 98 28.99 -3.23 -5.04
CA HIS D 98 30.34 -2.68 -4.91
C HIS D 98 30.30 -1.53 -3.95
N TYR D 99 31.26 -1.45 -3.03
CA TYR D 99 31.43 -0.24 -2.23
C TYR D 99 31.70 0.93 -3.18
N PRO D 100 31.11 2.12 -2.93
CA PRO D 100 30.12 2.37 -1.91
C PRO D 100 28.73 2.11 -2.47
N VAL D 101 27.78 1.85 -1.55
CA VAL D 101 26.38 1.75 -1.90
C VAL D 101 25.96 3.15 -2.36
N LEU D 102 25.08 3.20 -3.37
CA LEU D 102 24.88 4.40 -4.17
C LEU D 102 23.49 4.37 -4.74
N PHE D 103 22.74 5.44 -4.49
CA PHE D 103 21.51 5.71 -5.23
C PHE D 103 21.81 6.40 -6.58
N GLY D 104 20.97 6.17 -7.57
CA GLY D 104 20.93 7.03 -8.76
C GLY D 104 20.34 8.35 -8.36
N GLN D 105 20.33 9.31 -9.28
CA GLN D 105 19.97 10.70 -8.97
C GLN D 105 18.48 10.91 -8.76
N GLY D 106 17.65 9.92 -9.15
CA GLY D 106 16.17 10.00 -9.06
C GLY D 106 15.43 10.39 -10.36
N THR D 107 14.28 9.79 -10.60
CA THR D 107 13.40 10.15 -11.68
C THR D 107 12.07 10.62 -11.11
N ARG D 108 11.70 11.87 -11.42
CA ARG D 108 10.46 12.43 -10.95
C ARG D 108 9.37 12.01 -11.90
N LEU D 109 8.37 11.32 -11.39
CA LEU D 109 7.24 10.90 -12.18
C LEU D 109 6.03 11.73 -11.77
N GLU D 110 5.40 12.38 -12.75
CA GLU D 110 4.18 13.16 -12.57
C GLU D 110 3.17 12.79 -13.65
N ILE D 111 1.91 13.18 -13.44
CA ILE D 111 0.82 12.93 -14.39
C ILE D 111 0.72 14.05 -15.38
N LYS D 112 0.66 13.68 -16.67
CA LYS D 112 0.54 14.65 -17.75
C LYS D 112 -0.94 14.82 -18.17
N ARG D 113 -1.35 16.09 -18.17
CA ARG D 113 -2.67 16.53 -18.64
C ARG D 113 -2.42 17.62 -19.66
N THR D 114 -3.49 18.15 -20.24
CA THR D 114 -3.38 19.26 -21.19
C THR D 114 -2.94 20.53 -20.47
N VAL D 115 -2.29 21.39 -21.22
CA VAL D 115 -1.75 22.60 -20.70
C VAL D 115 -2.87 23.46 -20.10
N ALA D 116 -2.68 23.97 -18.89
CA ALA D 116 -3.66 24.88 -18.33
C ALA D 116 -2.95 26.13 -17.79
N ALA D 117 -3.40 27.29 -18.22
CA ALA D 117 -2.82 28.56 -17.83
C ALA D 117 -3.22 28.88 -16.39
N PRO D 118 -2.30 29.43 -15.62
CA PRO D 118 -2.62 29.87 -14.27
C PRO D 118 -3.66 30.96 -14.23
N SER D 119 -4.40 31.04 -13.13
CA SER D 119 -5.14 32.24 -12.71
C SER D 119 -4.32 33.02 -11.67
N VAL D 120 -4.13 34.32 -11.90
CA VAL D 120 -3.23 35.14 -11.09
C VAL D 120 -4.01 36.03 -10.12
N PHE D 121 -3.52 36.11 -8.89
CA PHE D 121 -4.09 37.01 -7.90
C PHE D 121 -2.97 37.70 -7.19
N ILE D 122 -3.13 39.00 -6.91
CA ILE D 122 -2.13 39.80 -6.22
C ILE D 122 -2.73 40.33 -4.91
N PHE D 123 -1.94 40.34 -3.82
CA PHE D 123 -2.41 40.74 -2.51
C PHE D 123 -1.46 41.79 -1.95
N PRO D 124 -1.98 42.97 -1.67
CA PRO D 124 -1.13 43.93 -1.02
C PRO D 124 -0.76 43.47 0.40
N PRO D 125 0.16 44.21 1.06
CA PRO D 125 0.46 43.88 2.45
C PRO D 125 -0.68 44.31 3.34
N SER D 126 -0.81 43.61 4.45
CA SER D 126 -1.80 43.95 5.45
C SER D 126 -1.35 45.20 6.17
N ASP D 127 -2.29 46.06 6.53
CA ASP D 127 -1.94 47.19 7.39
C ASP D 127 -1.34 46.72 8.74
N GLU D 128 -1.72 45.53 9.20
CA GLU D 128 -1.12 44.94 10.39
C GLU D 128 0.40 44.67 10.22
N GLN D 129 0.79 44.13 9.07
CA GLN D 129 2.24 43.92 8.82
C GLN D 129 2.99 45.23 8.70
N LEU D 130 2.34 46.22 8.09
CA LEU D 130 2.93 47.54 7.94
C LEU D 130 3.17 48.20 9.30
N LYS D 131 2.26 48.01 10.25
CA LYS D 131 2.48 48.53 11.60
C LYS D 131 3.76 48.02 12.27
N SER D 132 4.55 47.18 11.61
CA SER D 132 5.66 46.52 12.30
C SER D 132 6.98 46.63 11.58
N GLY D 133 7.06 47.32 10.43
CA GLY D 133 8.36 47.58 9.74
C GLY D 133 8.62 46.96 8.37
N THR D 134 7.88 45.90 8.01
CA THR D 134 8.06 45.19 6.74
C THR D 134 6.76 45.19 5.90
N ALA D 135 6.91 45.06 4.60
CA ALA D 135 5.81 44.91 3.65
C ALA D 135 6.05 43.66 2.82
N SER D 136 5.18 42.68 2.93
CA SER D 136 5.23 41.53 2.05
C SER D 136 4.09 41.64 1.05
N VAL D 137 4.42 41.58 -0.23
CA VAL D 137 3.40 41.53 -1.26
C VAL D 137 3.44 40.15 -1.94
N VAL D 138 2.27 39.56 -2.13
CA VAL D 138 2.14 38.15 -2.57
C VAL D 138 1.36 38.03 -3.90
N CYS D 139 1.90 37.21 -4.82
CA CYS D 139 1.27 36.91 -6.10
C CYS D 139 0.94 35.41 -6.04
N LEU D 140 -0.27 35.04 -6.44
CA LEU D 140 -0.67 33.64 -6.45
C LEU D 140 -0.94 33.24 -7.89
N LEU D 141 -0.36 32.12 -8.33
CA LEU D 141 -0.68 31.48 -9.60
C LEU D 141 -1.37 30.19 -9.25
N ASN D 142 -2.62 30.06 -9.68
CA ASN D 142 -3.46 28.95 -9.28
C ASN D 142 -3.81 27.96 -10.38
N ASN D 143 -3.63 26.66 -10.09
CA ASN D 143 -4.18 25.58 -10.88
C ASN D 143 -3.74 25.54 -12.34
N PHE D 144 -2.42 25.47 -12.54
CA PHE D 144 -1.77 25.53 -13.85
C PHE D 144 -0.95 24.27 -14.14
N TYR D 145 -0.66 24.03 -15.42
CA TYR D 145 0.14 22.89 -15.84
C TYR D 145 0.69 23.21 -17.18
N PRO D 146 2.00 22.98 -17.42
CA PRO D 146 2.99 22.28 -16.58
C PRO D 146 3.55 23.13 -15.44
N ARG D 147 4.48 22.55 -14.67
CA ARG D 147 5.04 23.16 -13.45
C ARG D 147 5.82 24.45 -13.66
N GLU D 148 6.45 24.61 -14.80
CA GLU D 148 7.31 25.76 -15.02
C GLU D 148 6.46 27.03 -15.19
N ALA D 149 6.84 28.09 -14.51
CA ALA D 149 6.19 29.39 -14.67
C ALA D 149 7.19 30.45 -14.27
N LYS D 150 6.96 31.69 -14.68
CA LYS D 150 7.88 32.74 -14.33
C LYS D 150 7.10 33.93 -13.84
N VAL D 151 7.44 34.40 -12.65
CA VAL D 151 6.85 35.59 -12.11
C VAL D 151 7.85 36.74 -12.11
N GLN D 152 7.48 37.87 -12.68
CA GLN D 152 8.34 39.05 -12.68
C GLN D 152 7.62 40.16 -11.88
N TRP D 153 8.27 40.64 -10.85
CA TRP D 153 7.77 41.73 -10.05
C TRP D 153 8.19 43.11 -10.59
N LYS D 154 7.26 44.06 -10.67
CA LYS D 154 7.58 45.46 -11.04
C LYS D 154 7.00 46.46 -10.04
N VAL D 155 7.80 47.45 -9.66
CA VAL D 155 7.36 48.52 -8.73
C VAL D 155 7.56 49.85 -9.43
N ASP D 156 6.46 50.53 -9.77
CA ASP D 156 6.50 51.73 -10.66
C ASP D 156 7.39 51.49 -11.91
N ASN D 157 7.22 50.30 -12.46
CA ASN D 157 7.90 49.81 -13.67
C ASN D 157 9.39 49.47 -13.58
N ALA D 158 9.94 49.42 -12.37
CA ALA D 158 11.29 48.96 -12.19
C ALA D 158 11.16 47.46 -11.95
N LEU D 159 11.82 46.63 -12.77
CA LEU D 159 11.87 45.18 -12.54
C LEU D 159 12.67 44.84 -11.27
N GLN D 160 12.11 44.00 -10.40
CA GLN D 160 12.76 43.62 -9.13
C GLN D 160 13.52 42.31 -9.30
N SER D 161 14.71 42.22 -8.71
CA SER D 161 15.35 40.93 -8.56
C SER D 161 16.15 40.86 -7.29
N GLY D 162 16.27 39.62 -6.76
CA GLY D 162 16.98 39.33 -5.51
C GLY D 162 16.16 39.54 -4.25
N ASN D 163 14.90 39.98 -4.39
CA ASN D 163 14.06 40.28 -3.25
C ASN D 163 12.75 39.56 -3.30
N SER D 164 12.64 38.50 -4.09
CA SER D 164 11.44 37.68 -4.00
C SER D 164 11.85 36.27 -3.69
N GLN D 165 10.88 35.46 -3.30
CA GLN D 165 11.09 34.04 -3.09
C GLN D 165 9.78 33.38 -3.43
N GLU D 166 9.87 32.14 -3.91
CA GLU D 166 8.66 31.47 -4.32
C GLU D 166 8.63 30.04 -3.87
N SER D 167 7.46 29.42 -4.03
CA SER D 167 7.17 28.09 -3.53
C SER D 167 6.08 27.45 -4.40
N VAL D 168 6.15 26.14 -4.59
CA VAL D 168 5.17 25.42 -5.43
C VAL D 168 4.58 24.18 -4.78
N THR D 169 3.30 23.92 -5.01
CA THR D 169 2.65 22.76 -4.41
C THR D 169 3.12 21.46 -5.03
N GLU D 170 2.73 20.35 -4.42
CA GLU D 170 2.79 19.05 -5.10
C GLU D 170 1.64 19.01 -6.04
N GLN D 171 1.69 18.09 -7.00
CA GLN D 171 0.65 18.01 -8.02
C GLN D 171 -0.63 17.59 -7.37
N ASP D 172 -1.73 18.24 -7.74
CA ASP D 172 -3.05 17.85 -7.22
C ASP D 172 -3.46 16.52 -7.82
N SER D 173 -3.92 15.58 -6.99
CA SER D 173 -4.30 14.26 -7.49
C SER D 173 -5.58 14.28 -8.32
N LYS D 174 -6.50 15.20 -7.97
CA LYS D 174 -7.73 15.47 -8.73
C LYS D 174 -7.47 15.92 -10.18
N ASP D 175 -7.02 17.18 -10.34
CA ASP D 175 -6.92 17.77 -11.68
C ASP D 175 -5.48 17.79 -12.22
N SER D 176 -4.53 17.27 -11.45
CA SER D 176 -3.14 17.15 -11.86
C SER D 176 -2.51 18.52 -12.12
N THR D 177 -3.04 19.56 -11.48
CA THR D 177 -2.46 20.90 -11.57
C THR D 177 -1.49 21.23 -10.40
N TYR D 178 -0.82 22.38 -10.54
CA TYR D 178 0.10 22.92 -9.56
C TYR D 178 -0.38 24.31 -9.21
N SER D 179 0.04 24.82 -8.06
CA SER D 179 -0.11 26.23 -7.74
C SER D 179 1.22 26.79 -7.22
N LEU D 180 1.36 28.13 -7.32
CA LEU D 180 2.60 28.81 -6.98
C LEU D 180 2.32 30.12 -6.29
N SER D 181 3.24 30.47 -5.42
CA SER D 181 3.11 31.60 -4.55
C SER D 181 4.44 32.23 -4.52
N SER D 182 4.48 33.52 -4.83
CA SER D 182 5.72 34.30 -4.84
C SER D 182 5.51 35.47 -3.91
N THR D 183 6.50 35.78 -3.07
CA THR D 183 6.42 36.91 -2.16
C THR D 183 7.54 37.89 -2.44
N LEU D 184 7.19 39.15 -2.63
CA LEU D 184 8.15 40.24 -2.72
C LEU D 184 8.27 40.88 -1.35
N THR D 185 9.49 40.99 -0.81
CA THR D 185 9.71 41.66 0.49
C THR D 185 10.35 43.04 0.33
N LEU D 186 9.74 44.07 0.93
CA LEU D 186 10.33 45.42 1.01
C LEU D 186 10.30 45.93 2.46
N SER D 187 11.13 46.91 2.75
CA SER D 187 11.01 47.64 3.99
C SER D 187 9.76 48.50 3.86
N LYS D 188 9.15 48.87 5.00
CA LYS D 188 8.03 49.78 5.01
C LYS D 188 8.33 51.15 4.35
N ALA D 189 9.53 51.69 4.56
CA ALA D 189 9.86 53.03 4.03
C ALA D 189 9.90 52.98 2.50
N ASP D 190 10.46 51.93 1.96
CA ASP D 190 10.49 51.69 0.52
C ASP D 190 9.09 51.44 -0.03
N TYR D 191 8.31 50.63 0.66
CA TYR D 191 6.96 50.33 0.20
C TYR D 191 6.20 51.64 0.00
N GLU D 192 6.34 52.55 0.97
CA GLU D 192 5.62 53.81 1.03
C GLU D 192 6.08 54.86 0.05
N LYS D 193 7.26 54.72 -0.53
CA LYS D 193 7.75 55.63 -1.57
C LYS D 193 7.18 55.41 -2.99
N HIS D 194 6.49 54.30 -3.24
CA HIS D 194 6.13 53.92 -4.62
C HIS D 194 4.62 53.72 -4.81
N LYS D 195 4.11 53.89 -6.01
CA LYS D 195 2.66 53.80 -6.22
C LYS D 195 2.15 52.44 -6.78
N VAL D 196 2.59 52.02 -7.97
CA VAL D 196 2.02 50.82 -8.62
C VAL D 196 2.83 49.54 -8.36
N TYR D 197 2.18 48.50 -7.82
CA TYR D 197 2.80 47.18 -7.61
C TYR D 197 2.16 46.13 -8.53
N ALA D 198 2.99 45.43 -9.29
CA ALA D 198 2.55 44.51 -10.32
C ALA D 198 3.29 43.18 -10.27
N CYS D 199 2.60 42.07 -10.51
CA CYS D 199 3.34 40.89 -10.92
C CYS D 199 2.94 40.51 -12.33
N GLU D 200 3.96 40.29 -13.16
CA GLU D 200 3.78 39.84 -14.55
C GLU D 200 4.14 38.34 -14.64
N VAL D 201 3.20 37.55 -15.17
CA VAL D 201 3.28 36.08 -15.20
C VAL D 201 3.38 35.54 -16.61
N THR D 202 4.40 34.71 -16.84
CA THR D 202 4.66 34.04 -18.12
C THR D 202 4.44 32.53 -17.95
N HIS D 203 3.75 31.89 -18.89
CA HIS D 203 3.52 30.44 -18.85
C HIS D 203 3.17 29.90 -20.23
N GLN D 204 3.58 28.66 -20.46
CA GLN D 204 3.25 27.94 -21.68
C GLN D 204 1.81 28.13 -22.16
N GLY D 205 0.85 28.18 -21.23
CA GLY D 205 -0.56 28.23 -21.59
C GLY D 205 -1.15 29.62 -21.76
N LEU D 206 -0.29 30.64 -21.90
CA LEU D 206 -0.70 32.06 -22.04
C LEU D 206 -0.04 32.61 -23.27
N SER D 207 -0.84 33.08 -24.21
CA SER D 207 -0.32 33.74 -25.41
C SER D 207 0.56 34.93 -25.07
N SER D 208 0.20 35.61 -24.00
CA SER D 208 0.99 36.73 -23.53
C SER D 208 1.01 36.83 -22.02
N PRO D 209 2.06 37.47 -21.50
CA PRO D 209 2.13 37.69 -20.09
C PRO D 209 0.82 38.28 -19.57
N VAL D 210 0.39 37.77 -18.42
CA VAL D 210 -0.74 38.29 -17.67
C VAL D 210 -0.24 39.05 -16.46
N THR D 211 -0.78 40.25 -16.27
CA THR D 211 -0.25 41.19 -15.29
C THR D 211 -1.37 41.59 -14.35
N LYS D 212 -1.16 41.43 -13.05
CA LYS D 212 -2.11 41.95 -12.04
C LYS D 212 -1.44 42.98 -11.20
N SER D 213 -2.15 44.07 -10.92
CA SER D 213 -1.57 45.12 -10.10
C SER D 213 -2.55 45.78 -9.13
N PHE D 214 -2.02 46.65 -8.29
CA PHE D 214 -2.82 47.50 -7.43
C PHE D 214 -2.05 48.79 -7.22
N ASN D 215 -2.73 49.87 -6.84
CA ASN D 215 -2.05 51.10 -6.44
C ASN D 215 -2.11 51.21 -4.93
N ARG D 216 -0.96 51.25 -4.28
CA ARG D 216 -0.92 51.63 -2.89
C ARG D 216 -1.57 53.01 -2.73
N GLY D 217 -2.41 53.13 -1.70
CA GLY D 217 -3.13 54.39 -1.49
C GLY D 217 -4.57 54.31 -1.95
N GLU D 218 -4.83 53.47 -2.95
CA GLU D 218 -6.19 53.20 -3.43
C GLU D 218 -6.62 51.81 -2.95
N CYS D 219 -6.42 51.54 -1.67
CA CYS D 219 -6.43 50.17 -1.15
C CYS D 219 -6.93 50.04 0.30
N GLN E 1 11.11 -10.77 12.48
CA GLN E 1 10.52 -9.43 12.30
C GLN E 1 11.17 -8.41 13.25
N VAL E 2 11.64 -7.30 12.70
CA VAL E 2 12.34 -6.24 13.45
C VAL E 2 11.59 -4.90 13.41
N GLN E 3 11.79 -4.08 14.44
CA GLN E 3 11.18 -2.76 14.50
C GLN E 3 12.26 -1.78 14.93
N LEU E 4 12.38 -0.66 14.20
CA LEU E 4 13.42 0.35 14.45
C LEU E 4 12.79 1.66 14.86
N VAL E 5 13.28 2.23 15.95
CA VAL E 5 12.73 3.45 16.51
C VAL E 5 13.88 4.45 16.67
N GLN E 6 13.75 5.61 16.02
CA GLN E 6 14.82 6.61 16.04
C GLN E 6 14.51 7.69 17.06
N SER E 7 15.58 8.41 17.45
CA SER E 7 15.50 9.58 18.28
C SER E 7 14.75 10.70 17.55
N GLY E 8 14.32 11.71 18.32
CA GLY E 8 13.47 12.79 17.80
C GLY E 8 14.22 13.88 17.08
N ALA E 9 13.44 14.91 16.72
CA ALA E 9 13.92 16.08 15.96
C ALA E 9 15.04 16.79 16.68
N GLU E 10 16.07 17.18 15.93
CA GLU E 10 17.19 17.92 16.49
C GLU E 10 17.39 19.26 15.78
N VAL E 11 17.77 20.29 16.53
CA VAL E 11 18.20 21.57 15.99
C VAL E 11 19.62 21.83 16.49
N LYS E 12 20.55 22.00 15.55
CA LYS E 12 21.95 22.29 15.88
C LYS E 12 22.49 23.48 15.07
N LYS E 13 23.63 23.99 15.52
CA LYS E 13 24.27 25.19 14.98
C LYS E 13 25.35 24.79 14.01
N PRO E 14 25.63 25.65 13.01
CA PRO E 14 26.70 25.32 12.09
C PRO E 14 28.02 25.03 12.83
N GLY E 15 28.77 24.03 12.33
CA GLY E 15 30.04 23.63 12.94
C GLY E 15 29.89 22.55 13.99
N ALA E 16 28.70 22.44 14.56
CA ALA E 16 28.46 21.49 15.64
C ALA E 16 28.30 20.06 15.14
N SER E 17 28.00 19.17 16.08
CA SER E 17 27.82 17.76 15.82
C SER E 17 26.40 17.30 16.22
N VAL E 18 25.88 16.27 15.56
CA VAL E 18 24.58 15.70 15.93
C VAL E 18 24.66 14.19 16.01
N LYS E 19 23.98 13.63 17.00
CA LYS E 19 23.98 12.17 17.23
C LYS E 19 22.55 11.63 17.19
N VAL E 20 22.25 10.75 16.24
CA VAL E 20 20.92 10.19 16.06
C VAL E 20 20.92 8.70 16.40
N SER E 21 19.96 8.23 17.18
CA SER E 21 19.93 6.82 17.56
C SER E 21 18.83 6.03 16.83
N CYS E 22 19.03 4.71 16.80
CA CYS E 22 18.12 3.75 16.15
C CYS E 22 18.00 2.52 17.06
N LYS E 23 16.95 2.43 17.84
CA LYS E 23 16.77 1.32 18.74
C LYS E 23 16.13 0.15 17.99
N ALA E 24 16.81 -0.99 17.95
CA ALA E 24 16.25 -2.17 17.29
C ALA E 24 15.60 -3.11 18.29
N SER E 25 14.52 -3.73 17.89
CA SER E 25 13.87 -4.74 18.72
C SER E 25 13.17 -5.80 17.88
N GLY E 26 13.11 -7.00 18.44
CA GLY E 26 12.60 -8.17 17.72
C GLY E 26 13.52 -9.33 17.96
N TYR E 27 13.34 -10.41 17.20
CA TYR E 27 14.22 -11.59 17.30
C TYR E 27 15.48 -11.40 16.47
N TYR E 28 16.64 -11.66 17.08
CA TYR E 28 17.97 -11.54 16.44
C TYR E 28 18.18 -10.18 15.77
N THR E 29 18.18 -9.13 16.57
CA THR E 29 18.43 -7.78 16.06
C THR E 29 19.86 -7.69 15.51
N GLU E 30 20.80 -8.44 16.12
CA GLU E 30 22.22 -8.47 15.72
C GLU E 30 22.49 -8.99 14.30
N ALA E 31 21.54 -9.70 13.71
CA ALA E 31 21.71 -10.25 12.36
C ALA E 31 21.38 -9.26 11.24
N TYR E 32 20.88 -8.07 11.56
CA TYR E 32 20.53 -7.08 10.55
C TYR E 32 21.51 -5.91 10.54
N TYR E 33 22.13 -5.68 9.39
CA TYR E 33 22.94 -4.49 9.22
C TYR E 33 22.01 -3.32 9.14
N ILE E 34 22.30 -2.30 9.92
CA ILE E 34 21.56 -1.08 9.91
C ILE E 34 22.30 -0.12 9.00
N HIS E 35 21.57 0.48 8.08
CA HIS E 35 22.10 1.56 7.23
C HIS E 35 21.52 2.89 7.66
N TRP E 36 22.15 3.98 7.23
CA TRP E 36 21.58 5.30 7.35
C TRP E 36 21.47 5.95 5.98
N VAL E 37 20.35 6.63 5.77
CA VAL E 37 20.08 7.25 4.51
C VAL E 37 19.52 8.59 4.86
N ARG E 38 19.74 9.57 3.99
CA ARG E 38 19.15 10.89 4.23
C ARG E 38 18.54 11.46 2.97
N GLN E 39 17.63 12.41 3.15
CA GLN E 39 17.01 13.14 2.09
C GLN E 39 17.00 14.60 2.47
N ALA E 40 17.74 15.42 1.77
CA ALA E 40 17.69 16.87 1.97
C ALA E 40 16.57 17.46 1.10
N PRO E 41 16.10 18.67 1.44
CA PRO E 41 14.97 19.33 0.76
C PRO E 41 15.15 19.50 -0.74
N GLY E 42 14.19 18.98 -1.50
CA GLY E 42 14.32 18.85 -2.95
C GLY E 42 15.19 17.65 -3.37
N GLN E 43 16.22 17.34 -2.57
CA GLN E 43 17.35 16.48 -2.99
C GLN E 43 17.01 15.01 -3.03
N GLY E 44 17.90 14.26 -3.67
CA GLY E 44 17.73 12.84 -3.83
C GLY E 44 18.15 12.15 -2.57
N LEU E 45 17.77 10.89 -2.46
CA LEU E 45 18.25 10.03 -1.40
C LEU E 45 19.74 9.78 -1.48
N GLU E 46 20.40 9.85 -0.33
CA GLU E 46 21.85 9.70 -0.25
C GLU E 46 22.22 8.65 0.78
N TRP E 47 22.96 7.62 0.38
CA TRP E 47 23.38 6.59 1.31
C TRP E 47 24.59 7.05 2.07
N MET E 48 24.48 7.06 3.39
CA MET E 48 25.55 7.54 4.29
C MET E 48 26.52 6.46 4.78
N GLY E 49 26.03 5.26 5.06
CA GLY E 49 26.91 4.12 5.44
C GLY E 49 26.16 3.02 6.14
N ARG E 50 26.79 1.87 6.42
CA ARG E 50 26.15 0.82 7.23
C ARG E 50 27.01 0.46 8.46
N ILE E 51 26.38 -0.04 9.52
CA ILE E 51 27.09 -0.72 10.60
C ILE E 51 26.58 -2.18 10.79
N ASP E 52 27.50 -3.10 10.98
CA ASP E 52 27.20 -4.47 11.37
C ASP E 52 27.10 -4.49 12.89
N PRO E 53 25.89 -4.72 13.42
CA PRO E 53 25.79 -4.74 14.90
C PRO E 53 26.51 -5.92 15.53
N ALA E 54 26.73 -7.00 14.78
CA ALA E 54 27.44 -8.16 15.33
C ALA E 54 28.85 -7.78 15.76
N THR E 55 29.58 -7.10 14.89
CA THR E 55 31.00 -6.79 15.11
C THR E 55 31.27 -5.31 15.37
N GLY E 56 30.42 -4.45 14.84
CA GLY E 56 30.63 -3.01 14.92
C GLY E 56 31.35 -2.46 13.72
N ASN E 57 31.62 -3.32 12.72
CA ASN E 57 32.34 -2.92 11.51
C ASN E 57 31.49 -1.99 10.66
N THR E 58 32.11 -0.95 10.10
CA THR E 58 31.38 0.09 9.43
C THR E 58 31.94 0.31 8.03
N LYS E 59 31.07 0.80 7.12
CA LYS E 59 31.46 1.28 5.79
C LYS E 59 30.81 2.64 5.65
N TYR E 60 31.46 3.61 5.03
CA TYR E 60 30.83 4.91 4.85
C TYR E 60 30.88 5.39 3.41
N ALA E 61 29.88 6.19 3.02
CA ALA E 61 29.92 6.85 1.72
C ALA E 61 31.15 7.74 1.74
N PRO E 62 31.91 7.74 0.64
CA PRO E 62 33.19 8.39 0.65
C PRO E 62 33.08 9.91 0.83
N ARG E 63 32.00 10.50 0.31
CA ARG E 63 31.81 11.96 0.40
C ARG E 63 31.64 12.42 1.84
N LEU E 64 31.34 11.49 2.73
CA LEU E 64 31.06 11.80 4.13
C LEU E 64 32.05 11.15 5.13
N GLN E 65 32.96 10.30 4.65
CA GLN E 65 33.79 9.47 5.53
C GLN E 65 34.50 10.30 6.60
N ASP E 66 35.09 11.40 6.19
CA ASP E 66 35.79 12.24 7.14
C ASP E 66 34.91 12.77 8.28
N ARG E 67 33.59 12.88 8.08
CA ARG E 67 32.69 13.60 9.00
C ARG E 67 31.67 12.77 9.82
N VAL E 68 31.39 11.52 9.41
CA VAL E 68 30.39 10.72 10.11
C VAL E 68 30.93 9.48 10.80
N THR E 69 30.41 9.17 11.99
CA THR E 69 30.78 7.92 12.68
C THR E 69 29.56 7.05 12.99
N MET E 70 29.67 5.73 12.81
CA MET E 70 28.61 4.83 13.23
C MET E 70 29.11 3.91 14.33
N THR E 71 28.31 3.84 15.40
CA THR E 71 28.63 3.08 16.59
C THR E 71 27.39 2.29 17.05
N ARG E 72 27.63 1.35 17.96
CA ARG E 72 26.66 0.36 18.35
C ARG E 72 26.66 0.29 19.88
N ASP E 73 25.57 -0.18 20.48
CA ASP E 73 25.54 -0.58 21.90
C ASP E 73 24.77 -1.88 22.03
N THR E 74 25.48 -3.00 22.19
CA THR E 74 24.86 -4.33 22.12
C THR E 74 23.91 -4.62 23.28
N SER E 75 24.23 -4.13 24.47
CA SER E 75 23.36 -4.32 25.63
C SER E 75 21.96 -3.70 25.37
N THR E 76 21.92 -2.53 24.73
CA THR E 76 20.66 -1.86 24.41
C THR E 76 20.16 -2.03 22.94
N SER E 77 20.80 -2.91 22.16
CA SER E 77 20.52 -3.08 20.72
C SER E 77 20.23 -1.76 20.01
N THR E 78 21.08 -0.77 20.24
CA THR E 78 20.91 0.53 19.64
C THR E 78 22.11 0.76 18.73
N VAL E 79 21.89 1.41 17.56
CA VAL E 79 23.00 1.99 16.77
C VAL E 79 22.92 3.51 16.70
N TYR E 80 24.06 4.15 16.62
CA TYR E 80 24.12 5.61 16.67
C TYR E 80 24.82 6.06 15.42
N MET E 81 24.43 7.22 14.90
CA MET E 81 25.16 7.87 13.81
C MET E 81 25.44 9.31 14.26
N GLU E 82 26.69 9.76 14.12
CA GLU E 82 27.10 11.13 14.49
C GLU E 82 27.63 11.85 13.27
N LEU E 83 27.09 13.03 12.96
CA LEU E 83 27.59 13.82 11.84
C LEU E 83 28.20 15.07 12.41
N SER E 84 29.48 15.26 12.13
CA SER E 84 30.24 16.39 12.64
C SER E 84 30.35 17.47 11.61
N SER E 85 30.82 18.63 12.04
CA SER E 85 31.10 19.77 11.18
C SER E 85 29.91 20.13 10.32
N LEU E 86 28.75 20.25 10.97
CA LEU E 86 27.49 20.46 10.27
C LEU E 86 27.44 21.80 9.52
N ARG E 87 27.05 21.71 8.24
CA ARG E 87 26.67 22.88 7.46
C ARG E 87 25.20 22.80 7.10
N SER E 88 24.68 23.89 6.55
CA SER E 88 23.25 23.99 6.28
C SER E 88 22.70 22.92 5.32
N GLU E 89 23.51 22.47 4.36
CA GLU E 89 23.09 21.40 3.43
C GLU E 89 22.89 20.01 4.11
N ASP E 90 23.29 19.88 5.37
CA ASP E 90 23.01 18.69 6.20
C ASP E 90 21.59 18.70 6.82
N THR E 91 20.91 19.85 6.73
CA THR E 91 19.50 19.93 7.08
C THR E 91 18.77 18.92 6.22
N ALA E 92 18.08 17.97 6.86
CA ALA E 92 17.47 16.86 6.13
C ALA E 92 16.68 15.94 7.04
N VAL E 93 16.01 14.99 6.43
CA VAL E 93 15.42 13.84 7.16
C VAL E 93 16.41 12.65 7.10
N TYR E 94 16.76 12.08 8.23
CA TYR E 94 17.68 10.94 8.29
C TYR E 94 16.87 9.69 8.65
N TYR E 95 17.05 8.60 7.91
CA TYR E 95 16.43 7.34 8.22
C TYR E 95 17.45 6.22 8.56
N CYS E 96 17.17 5.36 9.51
CA CYS E 96 17.89 4.09 9.57
C CYS E 96 17.04 3.01 8.93
N ALA E 97 17.69 2.01 8.35
CA ALA E 97 16.97 0.99 7.56
C ALA E 97 17.80 -0.26 7.32
N SER E 98 17.23 -1.44 7.55
CA SER E 98 17.91 -2.67 7.20
C SER E 98 17.71 -2.88 5.70
N LEU E 99 18.56 -2.22 4.91
CA LEU E 99 18.39 -2.18 3.46
C LEU E 99 18.62 -3.49 2.78
N TYR E 100 19.31 -4.40 3.47
CA TYR E 100 19.57 -5.74 2.89
C TYR E 100 18.50 -6.79 3.12
N SER E 101 17.54 -6.56 4.01
CA SER E 101 16.61 -7.62 4.43
C SER E 101 15.33 -7.67 3.58
N LEU E 102 14.58 -8.77 3.71
CA LEU E 102 13.24 -8.88 3.11
C LEU E 102 12.09 -9.04 4.12
N PRO E 103 11.19 -8.04 4.25
CA PRO E 103 11.25 -6.68 3.66
C PRO E 103 12.37 -5.85 4.29
N VAL E 104 12.52 -4.61 3.82
CA VAL E 104 13.35 -3.62 4.50
C VAL E 104 12.55 -3.08 5.65
N TYR E 105 13.17 -3.00 6.81
CA TYR E 105 12.52 -2.41 7.96
C TYR E 105 13.13 -1.03 8.09
N TRP E 106 12.28 -0.03 8.31
CA TRP E 106 12.68 1.37 8.35
C TRP E 106 12.39 1.94 9.72
N GLY E 107 13.25 2.87 10.15
CA GLY E 107 12.91 3.79 11.20
C GLY E 107 11.93 4.78 10.62
N GLN E 108 11.36 5.62 11.47
CA GLN E 108 10.33 6.57 11.09
C GLN E 108 10.88 7.92 10.60
N GLY E 109 12.21 8.10 10.63
CA GLY E 109 12.82 9.36 10.23
C GLY E 109 13.00 10.33 11.37
N THR E 110 14.17 10.96 11.40
CA THR E 110 14.51 12.03 12.34
C THR E 110 14.81 13.24 11.47
N THR E 111 14.32 14.41 11.86
CA THR E 111 14.66 15.65 11.16
C THR E 111 15.82 16.30 11.87
N VAL E 112 16.81 16.75 11.09
CA VAL E 112 17.89 17.58 11.59
C VAL E 112 17.95 18.91 10.84
N THR E 113 17.94 20.01 11.59
CA THR E 113 18.01 21.39 11.08
C THR E 113 19.31 22.08 11.53
N VAL E 114 20.10 22.55 10.57
CA VAL E 114 21.37 23.21 10.88
C VAL E 114 21.15 24.71 10.68
N SER E 115 21.32 25.46 11.78
CA SER E 115 20.95 26.87 11.84
C SER E 115 21.35 27.52 13.19
N SER E 116 21.56 28.83 13.13
CA SER E 116 21.87 29.64 14.28
C SER E 116 20.66 30.29 14.91
N ALA E 117 19.52 30.26 14.21
CA ALA E 117 18.25 30.75 14.76
C ALA E 117 17.87 30.12 16.11
N SER E 118 17.17 30.90 16.94
CA SER E 118 16.48 30.32 18.08
C SER E 118 14.99 30.27 17.80
N THR E 119 14.33 29.40 18.55
CA THR E 119 12.91 29.16 18.48
C THR E 119 12.12 30.47 18.45
N LYS E 120 11.14 30.54 17.55
CA LYS E 120 10.24 31.67 17.51
C LYS E 120 8.93 31.26 16.89
N GLY E 121 7.81 31.51 17.56
CA GLY E 121 6.50 31.23 16.99
C GLY E 121 6.20 32.24 15.91
N PRO E 122 5.28 31.94 15.00
CA PRO E 122 4.99 32.83 13.87
C PRO E 122 4.08 34.02 14.15
N SER E 123 4.23 35.05 13.31
CA SER E 123 3.21 36.10 13.16
C SER E 123 2.34 35.72 11.96
N VAL E 124 1.02 35.86 12.08
CA VAL E 124 0.12 35.55 10.97
C VAL E 124 -0.63 36.79 10.41
N PHE E 125 -0.50 37.03 9.11
CA PHE E 125 -1.08 38.21 8.49
C PHE E 125 -2.07 37.76 7.43
N PRO E 126 -3.08 38.59 7.13
CA PRO E 126 -4.09 38.25 6.16
C PRO E 126 -3.63 38.51 4.75
N LEU E 127 -4.03 37.67 3.82
CA LEU E 127 -3.83 37.96 2.42
C LEU E 127 -5.18 38.31 1.81
N ALA E 128 -5.40 39.57 1.51
CA ALA E 128 -6.69 39.96 0.92
C ALA E 128 -6.45 40.89 -0.23
N PRO E 129 -7.26 40.78 -1.29
CA PRO E 129 -7.11 41.63 -2.45
C PRO E 129 -7.37 43.11 -2.15
N CYS E 130 -6.81 43.97 -2.97
CA CYS E 130 -6.95 45.39 -2.79
C CYS E 130 -8.43 45.81 -2.91
N SER E 131 -9.11 45.28 -3.91
CA SER E 131 -10.51 45.63 -4.19
C SER E 131 -11.22 44.50 -4.92
N SER E 135 -18.22 40.90 -11.48
CA SER E 135 -17.09 40.97 -12.41
C SER E 135 -16.12 39.81 -12.16
N GLU E 136 -15.58 39.76 -10.95
CA GLU E 136 -14.64 38.70 -10.55
C GLU E 136 -15.47 37.54 -9.99
N SER E 137 -15.34 36.38 -10.62
CA SER E 137 -16.20 35.23 -10.32
C SER E 137 -15.63 34.50 -9.12
N THR E 138 -14.32 34.22 -9.22
CA THR E 138 -13.59 33.43 -8.26
C THR E 138 -12.56 34.27 -7.51
N ALA E 139 -12.82 34.60 -6.25
CA ALA E 139 -11.87 35.36 -5.43
C ALA E 139 -10.93 34.44 -4.65
N ALA E 140 -9.89 35.03 -4.10
CA ALA E 140 -8.91 34.30 -3.33
C ALA E 140 -8.59 35.14 -2.12
N LEU E 141 -8.33 34.47 -1.02
CA LEU E 141 -7.77 35.10 0.16
C LEU E 141 -6.87 34.10 0.85
N GLY E 142 -6.16 34.54 1.89
CA GLY E 142 -5.24 33.66 2.55
C GLY E 142 -4.59 34.20 3.78
N CYS E 143 -3.56 33.47 4.23
CA CYS E 143 -2.77 33.80 5.41
C CYS E 143 -1.31 33.75 5.07
N LEU E 144 -0.57 34.70 5.63
CA LEU E 144 0.89 34.70 5.54
C LEU E 144 1.35 34.37 6.97
N VAL E 145 2.02 33.22 7.09
CA VAL E 145 2.53 32.74 8.34
C VAL E 145 4.02 32.98 8.28
N LYS E 146 4.44 34.03 9.00
CA LYS E 146 5.78 34.60 8.80
C LYS E 146 6.72 34.47 10.01
N ASP E 147 8.02 34.26 9.74
CA ASP E 147 9.09 34.40 10.74
C ASP E 147 8.95 33.45 11.89
N TYR E 148 8.96 32.15 11.61
CA TYR E 148 8.94 31.12 12.65
C TYR E 148 10.15 30.20 12.51
N PHE E 149 10.51 29.50 13.57
CA PHE E 149 11.64 28.61 13.54
C PHE E 149 11.61 27.73 14.74
N PRO E 150 11.84 26.41 14.57
CA PRO E 150 12.04 25.71 13.32
C PRO E 150 10.70 25.35 12.67
N GLU E 151 10.76 24.65 11.54
CA GLU E 151 9.65 23.85 11.04
C GLU E 151 9.27 22.72 12.04
N PRO E 152 8.05 22.14 11.92
CA PRO E 152 7.02 22.51 10.97
C PRO E 152 5.99 23.41 11.61
N VAL E 153 5.17 24.01 10.74
CA VAL E 153 3.89 24.60 11.10
C VAL E 153 2.79 23.85 10.34
N THR E 154 1.65 23.63 10.99
CA THR E 154 0.46 23.05 10.36
C THR E 154 -0.60 24.13 10.19
N VAL E 155 -1.31 24.14 9.06
CA VAL E 155 -2.35 25.12 8.81
C VAL E 155 -3.61 24.44 8.39
N SER E 156 -4.74 24.85 8.98
CA SER E 156 -6.06 24.50 8.44
C SER E 156 -7.00 25.73 8.38
N TRP E 157 -8.18 25.51 7.78
CA TRP E 157 -9.16 26.56 7.66
C TRP E 157 -10.46 26.17 8.30
N ASN E 158 -11.08 27.11 9.00
CA ASN E 158 -12.38 26.85 9.59
C ASN E 158 -12.36 25.52 10.32
N SER E 159 -11.33 25.31 11.13
CA SER E 159 -11.19 24.13 11.97
C SER E 159 -11.33 22.80 11.23
N GLY E 160 -11.07 22.79 9.94
CA GLY E 160 -11.04 21.56 9.17
C GLY E 160 -12.28 21.36 8.34
N ALA E 161 -13.27 22.23 8.47
CA ALA E 161 -14.47 22.10 7.65
C ALA E 161 -14.30 22.70 6.24
N LEU E 162 -13.20 23.41 6.03
CA LEU E 162 -12.90 23.97 4.70
C LEU E 162 -11.61 23.31 4.16
N THR E 163 -11.75 22.56 3.07
CA THR E 163 -10.67 21.82 2.44
C THR E 163 -10.66 22.03 0.92
N SER E 164 -11.80 22.22 0.29
CA SER E 164 -11.83 22.45 -1.15
C SER E 164 -11.20 23.79 -1.53
N GLY E 165 -10.29 23.77 -2.50
CA GLY E 165 -9.62 24.97 -2.98
C GLY E 165 -8.60 25.56 -1.99
N VAL E 166 -8.02 24.72 -1.13
CA VAL E 166 -7.05 25.14 -0.17
C VAL E 166 -5.70 24.70 -0.62
N HIS E 167 -4.74 25.62 -0.65
CA HIS E 167 -3.37 25.29 -0.97
C HIS E 167 -2.51 25.90 0.12
N THR E 168 -1.73 25.03 0.76
CA THR E 168 -0.75 25.45 1.74
C THR E 168 0.59 25.11 1.13
N PHE E 169 1.46 26.10 1.07
CA PHE E 169 2.69 26.02 0.35
C PHE E 169 3.83 25.52 1.25
N PRO E 170 4.88 24.94 0.63
CA PRO E 170 6.11 24.68 1.38
C PRO E 170 6.77 25.95 1.92
N ALA E 171 7.43 25.82 3.06
CA ALA E 171 8.07 26.92 3.73
C ALA E 171 9.25 27.36 2.90
N VAL E 172 9.49 28.67 2.82
CA VAL E 172 10.81 29.14 2.34
C VAL E 172 11.64 29.66 3.50
N LEU E 173 12.94 29.56 3.38
CA LEU E 173 13.87 29.90 4.42
C LEU E 173 14.45 31.24 4.05
N GLN E 174 14.10 32.25 4.84
CA GLN E 174 14.51 33.63 4.55
C GLN E 174 15.97 33.87 4.90
N SER E 175 16.46 35.07 4.57
CA SER E 175 17.85 35.48 4.90
C SER E 175 18.08 35.57 6.39
N SER E 176 17.02 35.84 7.13
CA SER E 176 17.10 35.91 8.59
C SER E 176 17.29 34.54 9.26
N GLY E 177 17.04 33.46 8.52
CA GLY E 177 17.15 32.14 9.06
C GLY E 177 15.79 31.65 9.49
N LEU E 178 14.79 32.53 9.38
CA LEU E 178 13.44 32.23 9.78
C LEU E 178 12.59 31.80 8.56
N TYR E 179 11.67 30.89 8.76
CA TYR E 179 10.89 30.39 7.66
C TYR E 179 9.65 31.23 7.44
N SER E 180 9.06 31.07 6.27
CA SER E 180 7.77 31.66 6.00
C SER E 180 6.99 30.87 4.99
N LEU E 181 5.66 30.84 5.15
CA LEU E 181 4.80 30.17 4.18
C LEU E 181 3.46 30.84 4.07
N SER E 182 2.75 30.52 2.99
CA SER E 182 1.44 31.05 2.79
C SER E 182 0.45 29.94 2.58
N SER E 183 -0.79 30.17 3.01
CA SER E 183 -1.87 29.28 2.76
C SER E 183 -2.98 30.11 2.19
N VAL E 184 -3.55 29.62 1.08
CA VAL E 184 -4.56 30.34 0.34
C VAL E 184 -5.80 29.48 0.13
N VAL E 185 -6.92 30.14 -0.03
CA VAL E 185 -8.11 29.44 -0.41
C VAL E 185 -8.89 30.23 -1.45
N THR E 186 -9.52 29.50 -2.36
CA THR E 186 -10.38 30.07 -3.37
C THR E 186 -11.83 29.96 -2.93
N VAL E 187 -12.48 31.11 -2.88
CA VAL E 187 -13.86 31.21 -2.49
C VAL E 187 -14.64 31.92 -3.62
N PRO E 188 -15.98 31.75 -3.62
CA PRO E 188 -16.83 32.60 -4.42
C PRO E 188 -17.13 33.96 -3.74
N SER E 189 -17.31 35.01 -4.54
CA SER E 189 -17.91 36.27 -4.04
C SER E 189 -19.34 36.03 -3.53
N SER E 190 -20.05 35.17 -4.27
CA SER E 190 -21.35 34.54 -3.91
C SER E 190 -22.14 35.02 -2.67
N GLN E 196 -18.45 34.28 3.21
CA GLN E 196 -18.82 34.91 4.49
C GLN E 196 -17.59 35.09 5.41
N THR E 197 -17.18 34.00 6.08
CA THR E 197 -16.09 34.06 7.09
C THR E 197 -15.14 32.86 7.04
N TYR E 198 -13.85 33.22 7.08
CA TYR E 198 -12.75 32.31 6.86
C TYR E 198 -11.72 32.57 7.92
N THR E 199 -11.33 31.50 8.60
CA THR E 199 -10.35 31.58 9.66
C THR E 199 -9.27 30.55 9.40
N CYS E 200 -8.02 30.99 9.34
CA CYS E 200 -6.93 30.04 9.18
C CYS E 200 -6.35 29.75 10.55
N ASN E 201 -6.19 28.46 10.84
CA ASN E 201 -5.74 27.99 12.16
C ASN E 201 -4.34 27.51 12.00
N VAL E 202 -3.44 28.16 12.72
CA VAL E 202 -2.02 27.93 12.61
C VAL E 202 -1.52 27.39 13.95
N ASP E 203 -0.69 26.35 13.88
CA ASP E 203 -0.19 25.65 15.07
C ASP E 203 1.33 25.45 14.90
N HIS E 204 2.11 25.79 15.94
CA HIS E 204 3.56 25.71 15.84
C HIS E 204 4.08 25.13 17.14
N LYS E 205 4.11 23.79 17.20
CA LYS E 205 4.33 23.06 18.44
C LYS E 205 5.67 23.38 19.10
N PRO E 206 6.72 23.63 18.29
CA PRO E 206 8.00 23.89 18.94
C PRO E 206 8.07 25.12 19.82
N SER E 207 7.17 26.07 19.61
CA SER E 207 7.03 27.20 20.53
C SER E 207 5.65 27.24 21.22
N ASN E 208 4.92 26.13 21.16
CA ASN E 208 3.57 26.01 21.75
C ASN E 208 2.69 27.19 21.41
N THR E 209 2.75 27.60 20.14
CA THR E 209 1.99 28.75 19.65
C THR E 209 0.92 28.31 18.69
N LYS E 210 -0.27 28.87 18.90
CA LYS E 210 -1.44 28.67 18.08
C LYS E 210 -2.01 30.04 17.74
N VAL E 211 -2.38 30.24 16.49
CA VAL E 211 -3.09 31.46 16.11
C VAL E 211 -4.26 31.16 15.21
N ASP E 212 -5.41 31.79 15.49
CA ASP E 212 -6.59 31.71 14.64
C ASP E 212 -6.82 33.08 14.08
N LYS E 213 -6.63 33.20 12.77
CA LYS E 213 -6.70 34.47 12.10
C LYS E 213 -7.91 34.50 11.19
N THR E 214 -8.80 35.46 11.44
CA THR E 214 -9.93 35.69 10.56
C THR E 214 -9.53 36.70 9.49
N VAL E 215 -9.88 36.40 8.25
CA VAL E 215 -9.57 37.23 7.10
C VAL E 215 -10.88 37.64 6.45
N GLU E 216 -10.94 38.87 5.99
CA GLU E 216 -12.20 39.43 5.43
C GLU E 216 -12.08 39.77 3.98
N ARG E 217 -13.23 40.09 3.42
CA ARG E 217 -13.35 40.37 2.01
C ARG E 217 -14.40 41.47 1.82
N ALA F 1 17.81 -19.27 11.37
CA ALA F 1 18.41 -18.89 10.05
C ALA F 1 17.37 -18.10 9.26
N ILE F 2 17.58 -16.77 9.24
CA ILE F 2 16.58 -15.82 8.75
C ILE F 2 16.50 -15.79 7.20
N ILE F 3 15.44 -16.40 6.67
CA ILE F 3 15.13 -16.31 5.24
C ILE F 3 14.94 -14.82 4.82
N GLY F 4 15.77 -14.36 3.89
CA GLY F 4 15.70 -12.99 3.35
C GLY F 4 16.52 -11.99 4.15
N LEU F 5 17.67 -12.43 4.63
CA LEU F 5 18.53 -11.55 5.41
C LEU F 5 19.34 -10.61 4.51
N MET F 6 19.82 -11.13 3.37
CA MET F 6 20.83 -10.43 2.53
C MET F 6 20.51 -10.31 1.04
N VAL F 7 19.24 -10.37 0.68
CA VAL F 7 18.82 -10.23 -0.71
C VAL F 7 19.05 -8.83 -1.38
N GLY F 8 19.25 -7.76 -0.60
CA GLY F 8 19.36 -6.39 -1.13
C GLY F 8 20.78 -5.88 -1.43
N GLY F 9 21.77 -6.71 -1.13
CA GLY F 9 23.19 -6.29 -1.18
C GLY F 9 24.14 -7.17 -0.35
N VAL F 10 25.45 -6.96 -0.48
CA VAL F 10 26.42 -7.74 0.26
C VAL F 10 27.62 -6.90 0.70
N VAL F 11 27.52 -5.58 0.50
CA VAL F 11 28.60 -4.68 0.87
C VAL F 11 28.64 -4.55 2.41
#